data_8P05
#
_entry.id   8P05
#
_cell.length_a   127.300
_cell.length_b   127.300
_cell.length_c   124.471
_cell.angle_alpha   90.00
_cell.angle_beta   90.00
_cell.angle_gamma   90.00
#
_symmetry.space_group_name_H-M   'P 43 21 2'
#
loop_
_entity.id
_entity.type
_entity.pdbx_description
1 polymer 'Casein kinase II subunit alpha'
2 non-polymer 'SULFATE ION'
3 non-polymer (4~{Z})-2-(1-adamantylamino)-4-(1,3-benzothiazol-6-ylmethylidene)-1~{H}-imidazol-5-one
4 water water
#
_entity_poly.entity_id   1
_entity_poly.type   'polypeptide(L)'
_entity_poly.pdbx_seq_one_letter_code
;SMSGPVPSRARVYTDVNTHRPREYWDYESHVVEWGNQDDYQLVRKLGRGKYSEVFEAINITNNEKVVVKILKPVKKKKIK
REIKILENLRGGPNIITLADIVKDPVSRTPALVFEHVNNTDFKQLYQTLTDYDIRFYMYEILKALDYCHSMGIMHRDVKP
HNVMIDHEHRKLRLIDWGLAEFYHPGQEYNVRVASRYFKGPELLVDYQMYDYSLDMWSLGCMLASMIFRKEPFFHGHDNY
DQLVRIAKVLGTEDLYDYIDKYNIELDPRFNDILGRHSRKRWERFVHSENQHLVSPEALDFLDKLLRYDHQSRLTAREAM
EHPYFYTVVKDQARMGSS
;
_entity_poly.pdbx_strand_id   A,B
#
loop_
_chem_comp.id
_chem_comp.type
_chem_comp.name
_chem_comp.formula
SO4 non-polymer 'SULFATE ION' 'O4 S -2'
WAK non-polymer (4~{Z})-2-(1-adamantylamino)-4-(1,3-benzothiazol-6-ylmethylidene)-1~{H}-imidazol-5-one 'C21 H22 N4 O S'
#
# COMPACT_ATOMS: atom_id res chain seq x y z
N SER A 3 -30.65 -16.75 -17.17
CA SER A 3 -29.31 -16.11 -17.06
C SER A 3 -28.35 -17.02 -16.27
N GLY A 4 -28.55 -17.18 -14.95
CA GLY A 4 -27.61 -17.91 -14.10
C GLY A 4 -26.21 -17.28 -14.11
N PRO A 5 -25.18 -17.88 -13.47
CA PRO A 5 -23.88 -17.22 -13.32
C PRO A 5 -23.04 -17.16 -14.60
N VAL A 6 -22.18 -16.15 -14.67
CA VAL A 6 -21.27 -15.95 -15.79
C VAL A 6 -20.11 -16.94 -15.63
N PRO A 7 -19.74 -17.68 -16.71
CA PRO A 7 -18.62 -18.61 -16.65
C PRO A 7 -17.26 -17.93 -16.47
N SER A 8 -16.27 -18.75 -16.11
CA SER A 8 -14.91 -18.35 -15.82
C SER A 8 -13.98 -19.50 -16.20
N ARG A 9 -12.80 -19.08 -16.69
CA ARG A 9 -11.65 -19.92 -17.04
C ARG A 9 -10.47 -19.37 -16.24
N ALA A 10 -9.53 -20.23 -15.81
CA ALA A 10 -8.24 -19.76 -15.33
C ALA A 10 -7.55 -18.91 -16.40
N ARG A 11 -6.90 -17.81 -15.97
CA ARG A 11 -6.06 -17.01 -16.84
C ARG A 11 -4.79 -17.76 -17.24
N VAL A 12 -4.35 -18.76 -16.44
CA VAL A 12 -3.12 -19.50 -16.76
C VAL A 12 -3.37 -20.99 -16.59
N TYR A 13 -2.53 -21.74 -17.28
CA TYR A 13 -2.52 -23.19 -17.22
C TYR A 13 -3.93 -23.71 -17.49
N THR A 14 -4.63 -23.06 -18.42
CA THR A 14 -6.07 -23.28 -18.60
C THR A 14 -6.34 -24.69 -19.10
N ASP A 15 -5.52 -25.15 -20.07
CA ASP A 15 -5.86 -26.32 -20.88
C ASP A 15 -4.83 -27.41 -20.67
N VAL A 16 -4.17 -27.39 -19.53
CA VAL A 16 -3.01 -28.23 -19.32
C VAL A 16 -3.43 -29.70 -19.26
N ASN A 17 -4.62 -29.98 -18.69
CA ASN A 17 -5.08 -31.34 -18.48
C ASN A 17 -5.68 -31.90 -19.79
N THR A 18 -6.34 -31.04 -20.57
CA THR A 18 -6.87 -31.37 -21.87
C THR A 18 -5.78 -32.00 -22.75
N HIS A 19 -4.55 -31.45 -22.68
CA HIS A 19 -3.45 -31.79 -23.56
C HIS A 19 -2.70 -33.00 -23.03
N ARG A 20 -3.16 -33.57 -21.91
CA ARG A 20 -2.54 -34.74 -21.32
C ARG A 20 -3.32 -35.97 -21.73
N PRO A 21 -2.75 -37.20 -21.61
CA PRO A 21 -3.54 -38.42 -21.75
C PRO A 21 -4.60 -38.46 -20.65
N ARG A 22 -5.79 -39.01 -20.99
CA ARG A 22 -6.90 -39.17 -20.08
C ARG A 22 -6.48 -39.70 -18.70
N GLU A 23 -5.58 -40.71 -18.64
CA GLU A 23 -5.30 -41.47 -17.42
C GLU A 23 -4.70 -40.54 -16.36
N TYR A 24 -4.13 -39.41 -16.82
CA TYR A 24 -3.45 -38.45 -15.95
C TYR A 24 -4.41 -37.82 -14.96
N TRP A 25 -5.61 -37.47 -15.43
CA TRP A 25 -6.59 -36.78 -14.61
C TRP A 25 -7.83 -37.62 -14.33
N ASP A 26 -8.04 -38.72 -15.05
CA ASP A 26 -9.25 -39.51 -14.90
C ASP A 26 -8.99 -40.50 -13.78
N TYR A 27 -8.88 -39.97 -12.57
CA TYR A 27 -8.39 -40.73 -11.42
C TYR A 27 -9.33 -41.88 -11.05
N GLU A 28 -10.64 -41.83 -11.37
CA GLU A 28 -11.54 -42.93 -11.06
C GLU A 28 -11.10 -44.26 -11.70
N SER A 29 -10.28 -44.21 -12.79
CA SER A 29 -9.70 -45.37 -13.47
C SER A 29 -8.37 -45.82 -12.88
N HIS A 30 -7.82 -45.08 -11.90
CA HIS A 30 -6.49 -45.43 -11.41
C HIS A 30 -6.59 -46.73 -10.61
N VAL A 31 -5.70 -47.71 -10.90
CA VAL A 31 -5.61 -48.87 -10.00
C VAL A 31 -4.36 -48.68 -9.17
N VAL A 32 -4.56 -48.90 -7.87
CA VAL A 32 -3.56 -48.61 -6.86
C VAL A 32 -2.54 -49.76 -6.82
N GLU A 33 -1.25 -49.38 -6.84
CA GLU A 33 -0.11 -50.27 -6.60
C GLU A 33 0.18 -50.40 -5.09
N TRP A 34 -0.20 -51.55 -4.49
CA TRP A 34 0.04 -51.78 -3.08
C TRP A 34 1.47 -52.25 -2.81
N GLY A 35 2.00 -51.76 -1.69
CA GLY A 35 3.18 -52.34 -1.06
C GLY A 35 2.77 -53.35 0.02
N ASN A 36 3.83 -53.83 0.68
CA ASN A 36 3.80 -54.78 1.78
C ASN A 36 3.70 -54.01 3.10
N GLN A 37 2.59 -54.21 3.83
CA GLN A 37 2.39 -53.54 5.10
C GLN A 37 3.44 -53.94 6.15
N ASP A 38 4.02 -55.16 6.04
CA ASP A 38 4.97 -55.66 7.03
C ASP A 38 6.32 -54.98 6.93
N ASP A 39 6.48 -54.08 5.95
CA ASP A 39 7.74 -53.33 5.83
C ASP A 39 7.80 -52.17 6.83
N TYR A 40 6.64 -51.78 7.41
CA TYR A 40 6.55 -50.61 8.27
C TYR A 40 6.00 -51.01 9.64
N GLN A 41 6.73 -50.61 10.69
CA GLN A 41 6.24 -50.69 12.07
C GLN A 41 6.04 -49.27 12.59
N LEU A 42 4.87 -49.03 13.20
CA LEU A 42 4.54 -47.72 13.76
C LEU A 42 5.33 -47.49 15.04
N VAL A 43 5.82 -46.26 15.21
CA VAL A 43 6.63 -45.92 16.38
C VAL A 43 5.75 -45.19 17.37
N ARG A 44 5.21 -44.04 16.95
CA ARG A 44 4.37 -43.21 17.80
C ARG A 44 3.42 -42.37 16.96
N LYS A 45 2.36 -41.88 17.61
CA LYS A 45 1.34 -41.09 16.94
C LYS A 45 1.76 -39.62 16.94
N LEU A 46 1.66 -38.96 15.78
CA LEU A 46 1.96 -37.54 15.68
C LEU A 46 0.69 -36.67 15.74
N GLY A 47 -0.49 -37.19 15.42
CA GLY A 47 -1.65 -36.32 15.34
C GLY A 47 -2.86 -37.02 14.75
N ARG A 48 -4.04 -36.45 15.02
CA ARG A 48 -5.33 -36.81 14.44
C ARG A 48 -5.68 -35.73 13.41
N GLY A 49 -6.10 -36.11 12.22
CA GLY A 49 -6.64 -35.16 11.26
C GLY A 49 -8.16 -35.32 11.12
N LYS A 50 -8.75 -34.52 10.20
CA LYS A 50 -10.14 -34.67 9.82
C LYS A 50 -10.36 -36.06 9.20
N TYR A 51 -9.38 -36.53 8.40
CA TYR A 51 -9.59 -37.69 7.52
C TYR A 51 -8.64 -38.86 7.82
N SER A 52 -7.80 -38.76 8.87
CA SER A 52 -6.66 -39.66 9.04
C SER A 52 -6.07 -39.58 10.44
N GLU A 53 -5.27 -40.60 10.76
CA GLU A 53 -4.39 -40.60 11.93
C GLU A 53 -2.97 -40.69 11.40
N VAL A 54 -2.03 -39.97 12.02
CA VAL A 54 -0.71 -39.85 11.44
C VAL A 54 0.30 -40.33 12.45
N PHE A 55 1.24 -41.16 11.97
CA PHE A 55 2.19 -41.83 12.84
C PHE A 55 3.57 -41.70 12.26
N GLU A 56 4.56 -41.63 13.16
CA GLU A 56 5.94 -41.93 12.82
C GLU A 56 6.06 -43.45 12.75
N ALA A 57 6.84 -43.95 11.77
CA ALA A 57 7.07 -45.38 11.59
C ALA A 57 8.50 -45.59 11.09
N ILE A 58 8.93 -46.86 11.12
CA ILE A 58 10.22 -47.19 10.54
C ILE A 58 10.00 -48.21 9.44
N ASN A 59 10.70 -47.99 8.32
CA ASN A 59 10.77 -48.98 7.25
C ASN A 59 11.86 -49.98 7.62
N ILE A 60 11.46 -51.20 7.99
CA ILE A 60 12.42 -52.19 8.50
C ILE A 60 13.35 -52.71 7.38
N THR A 61 12.96 -52.56 6.10
CA THR A 61 13.78 -52.87 4.93
C THR A 61 15.12 -52.14 4.99
N ASN A 62 15.10 -50.82 5.21
CA ASN A 62 16.29 -49.99 5.14
C ASN A 62 16.51 -49.13 6.38
N ASN A 63 15.70 -49.29 7.43
CA ASN A 63 15.77 -48.43 8.60
C ASN A 63 15.55 -46.94 8.31
N GLU A 64 14.80 -46.55 7.26
CA GLU A 64 14.49 -45.14 7.05
C GLU A 64 13.27 -44.78 7.93
N LYS A 65 13.33 -43.59 8.54
CA LYS A 65 12.20 -42.97 9.24
C LYS A 65 11.17 -42.53 8.21
N VAL A 66 9.89 -42.72 8.53
CA VAL A 66 8.83 -42.59 7.56
C VAL A 66 7.59 -42.09 8.31
N VAL A 67 6.62 -41.48 7.60
CA VAL A 67 5.36 -41.08 8.19
C VAL A 67 4.24 -41.86 7.52
N VAL A 68 3.30 -42.37 8.31
CA VAL A 68 2.19 -43.19 7.85
C VAL A 68 0.87 -42.50 8.20
N LYS A 69 0.07 -42.21 7.17
CA LYS A 69 -1.24 -41.58 7.32
C LYS A 69 -2.29 -42.64 7.08
N ILE A 70 -2.92 -43.10 8.16
CA ILE A 70 -3.94 -44.14 8.08
C ILE A 70 -5.30 -43.48 7.86
N LEU A 71 -5.95 -43.83 6.75
CA LEU A 71 -7.15 -43.14 6.35
C LEU A 71 -8.34 -43.64 7.16
N LYS A 72 -9.10 -42.69 7.71
CA LYS A 72 -10.48 -42.94 8.10
C LYS A 72 -11.27 -43.24 6.83
N PRO A 73 -12.41 -43.94 6.91
CA PRO A 73 -13.18 -44.31 5.71
C PRO A 73 -13.55 -43.11 4.84
N VAL A 74 -13.21 -43.21 3.54
CA VAL A 74 -13.70 -42.30 2.51
C VAL A 74 -13.99 -43.14 1.27
N LYS A 75 -14.83 -42.56 0.41
CA LYS A 75 -15.07 -43.09 -0.92
C LYS A 75 -13.72 -43.38 -1.59
N LYS A 76 -13.58 -44.59 -2.15
CA LYS A 76 -12.39 -44.97 -2.89
C LYS A 76 -11.97 -43.92 -3.93
N LYS A 77 -12.92 -43.29 -4.65
CA LYS A 77 -12.56 -42.36 -5.71
C LYS A 77 -11.74 -41.21 -5.11
N LYS A 78 -11.99 -40.86 -3.84
CA LYS A 78 -11.27 -39.77 -3.19
C LYS A 78 -9.86 -40.21 -2.81
N ILE A 79 -9.68 -41.49 -2.45
CA ILE A 79 -8.34 -42.03 -2.18
C ILE A 79 -7.52 -42.07 -3.47
N LYS A 80 -8.14 -42.54 -4.56
CA LYS A 80 -7.49 -42.62 -5.86
C LYS A 80 -7.05 -41.22 -6.33
N ARG A 81 -7.94 -40.25 -6.10
CA ARG A 81 -7.65 -38.87 -6.41
C ARG A 81 -6.41 -38.39 -5.63
N GLU A 82 -6.41 -38.53 -4.30
CA GLU A 82 -5.26 -38.09 -3.54
C GLU A 82 -4.01 -38.76 -4.08
N ILE A 83 -4.08 -40.08 -4.29
CA ILE A 83 -2.93 -40.88 -4.72
C ILE A 83 -2.44 -40.42 -6.09
N LYS A 84 -3.36 -40.23 -7.03
CA LYS A 84 -3.01 -39.91 -8.39
C LYS A 84 -2.25 -38.58 -8.41
N ILE A 85 -2.82 -37.58 -7.74
CA ILE A 85 -2.21 -36.27 -7.62
C ILE A 85 -0.81 -36.36 -7.00
N LEU A 86 -0.64 -37.16 -5.94
CA LEU A 86 0.68 -37.29 -5.34
C LEU A 86 1.68 -37.89 -6.33
N GLU A 87 1.24 -38.87 -7.13
CA GLU A 87 2.13 -39.54 -8.07
C GLU A 87 2.51 -38.57 -9.20
N ASN A 88 1.50 -37.83 -9.70
CA ASN A 88 1.70 -36.82 -10.74
C ASN A 88 2.72 -35.76 -10.28
N LEU A 89 2.71 -35.37 -8.99
CA LEU A 89 3.52 -34.25 -8.49
C LEU A 89 4.84 -34.72 -7.88
N ARG A 90 5.09 -36.03 -7.85
CA ARG A 90 6.27 -36.55 -7.15
C ARG A 90 7.56 -36.03 -7.80
N GLY A 91 8.48 -35.50 -6.98
CA GLY A 91 9.72 -34.90 -7.43
C GLY A 91 9.59 -33.40 -7.75
N GLY A 92 8.37 -32.86 -7.70
CA GLY A 92 8.16 -31.45 -7.91
C GLY A 92 8.66 -30.66 -6.71
N PRO A 93 8.95 -29.35 -6.87
CA PRO A 93 9.57 -28.57 -5.79
C PRO A 93 8.66 -28.39 -4.58
N ASN A 94 9.18 -28.82 -3.41
CA ASN A 94 8.58 -28.61 -2.08
C ASN A 94 7.23 -29.34 -1.98
N ILE A 95 7.07 -30.41 -2.78
CA ILE A 95 5.91 -31.27 -2.66
C ILE A 95 6.30 -32.47 -1.81
N ILE A 96 5.47 -32.82 -0.82
CA ILE A 96 5.69 -34.07 -0.09
C ILE A 96 5.82 -35.24 -1.07
N THR A 97 6.73 -36.16 -0.78
CA THR A 97 6.93 -37.37 -1.55
C THR A 97 6.11 -38.53 -0.96
N LEU A 98 5.23 -39.13 -1.77
CA LEU A 98 4.54 -40.35 -1.37
C LEU A 98 5.46 -41.50 -1.70
N ALA A 99 5.78 -42.31 -0.68
CA ALA A 99 6.81 -43.33 -0.82
C ALA A 99 6.19 -44.70 -1.01
N ASP A 100 4.94 -44.91 -0.58
CA ASP A 100 4.31 -46.21 -0.64
C ASP A 100 2.86 -46.12 -0.20
N ILE A 101 2.09 -47.18 -0.45
CA ILE A 101 0.66 -47.29 -0.15
C ILE A 101 0.41 -48.72 0.31
N VAL A 102 -0.13 -48.90 1.51
CA VAL A 102 -0.32 -50.24 2.04
C VAL A 102 -1.74 -50.32 2.59
N LYS A 103 -2.24 -51.54 2.76
CA LYS A 103 -3.54 -51.77 3.35
C LYS A 103 -3.35 -52.72 4.51
N ASP A 104 -3.98 -52.46 5.68
CA ASP A 104 -4.06 -53.52 6.70
C ASP A 104 -4.82 -54.72 6.09
N PRO A 105 -4.22 -55.95 6.04
CA PRO A 105 -4.84 -57.08 5.35
C PRO A 105 -6.08 -57.62 6.07
N VAL A 106 -6.29 -57.26 7.35
CA VAL A 106 -7.50 -57.65 8.07
C VAL A 106 -8.53 -56.50 8.11
N SER A 107 -8.21 -55.32 8.71
CA SER A 107 -9.19 -54.23 8.79
C SER A 107 -9.44 -53.54 7.43
N ARG A 108 -8.57 -53.81 6.45
CA ARG A 108 -8.77 -53.36 5.07
C ARG A 108 -8.70 -51.84 4.99
N THR A 109 -8.11 -51.16 6.00
CA THR A 109 -8.02 -49.71 5.94
C THR A 109 -6.68 -49.33 5.28
N PRO A 110 -6.69 -48.39 4.32
CA PRO A 110 -5.46 -47.98 3.62
C PRO A 110 -4.64 -46.90 4.31
N ALA A 111 -3.33 -46.91 4.02
CA ALA A 111 -2.35 -46.06 4.68
C ALA A 111 -1.38 -45.53 3.62
N LEU A 112 -1.16 -44.22 3.62
CA LEU A 112 -0.21 -43.61 2.72
C LEU A 112 1.09 -43.45 3.48
N VAL A 113 2.22 -43.75 2.84
CA VAL A 113 3.50 -43.65 3.52
C VAL A 113 4.25 -42.50 2.90
N PHE A 114 4.74 -41.55 3.71
CA PHE A 114 5.40 -40.35 3.22
C PHE A 114 6.85 -40.29 3.68
N GLU A 115 7.69 -39.56 2.93
CA GLU A 115 8.99 -39.11 3.40
C GLU A 115 8.77 -38.39 4.73
N HIS A 116 9.80 -38.40 5.59
CA HIS A 116 9.71 -37.80 6.92
C HIS A 116 10.24 -36.38 6.84
N VAL A 117 9.49 -35.43 7.43
CA VAL A 117 10.02 -34.10 7.65
C VAL A 117 10.25 -33.92 9.15
N ASN A 118 11.50 -33.56 9.51
CA ASN A 118 11.76 -33.21 10.88
C ASN A 118 11.26 -31.78 11.08
N ASN A 119 9.96 -31.66 11.44
CA ASN A 119 9.28 -30.39 11.36
C ASN A 119 9.35 -29.65 12.71
N THR A 120 9.62 -28.35 12.57
CA THR A 120 9.58 -27.47 13.74
C THR A 120 8.12 -27.22 14.07
N ASP A 121 7.80 -27.07 15.34
CA ASP A 121 6.45 -26.86 15.85
C ASP A 121 5.90 -25.54 15.28
N PHE A 122 4.60 -25.52 14.91
CA PHE A 122 3.97 -24.42 14.19
C PHE A 122 3.89 -23.13 15.01
N LYS A 123 3.56 -23.24 16.31
CA LYS A 123 3.45 -22.10 17.22
C LYS A 123 4.85 -21.53 17.51
N GLN A 124 5.84 -22.40 17.73
CA GLN A 124 7.22 -21.97 18.02
C GLN A 124 7.88 -21.36 16.76
N LEU A 125 7.28 -21.57 15.58
CA LEU A 125 7.84 -21.07 14.33
C LEU A 125 7.22 -19.72 13.95
N TYR A 126 5.88 -19.61 14.03
CA TYR A 126 5.17 -18.35 13.83
C TYR A 126 5.40 -17.41 15.02
N GLN A 127 6.46 -17.68 15.80
CA GLN A 127 6.95 -16.84 16.88
C GLN A 127 8.39 -16.37 16.60
N THR A 128 9.23 -17.17 15.95
CA THR A 128 10.65 -16.85 15.86
C THR A 128 11.05 -16.40 14.46
N LEU A 129 10.07 -16.14 13.58
CA LEU A 129 10.35 -15.96 12.17
C LEU A 129 10.74 -14.50 11.89
N THR A 130 11.91 -14.29 11.29
CA THR A 130 12.32 -12.97 10.85
C THR A 130 11.54 -12.58 9.59
N ASP A 131 11.54 -11.28 9.26
CA ASP A 131 11.05 -10.78 7.99
C ASP A 131 11.64 -11.60 6.83
N TYR A 132 12.95 -11.92 6.88
CA TYR A 132 13.61 -12.63 5.79
C TYR A 132 13.14 -14.08 5.70
N ASP A 133 12.93 -14.73 6.85
CA ASP A 133 12.47 -16.11 6.86
C ASP A 133 11.11 -16.23 6.15
N ILE A 134 10.20 -15.29 6.43
CA ILE A 134 8.87 -15.29 5.84
C ILE A 134 8.98 -15.20 4.34
N ARG A 135 9.77 -14.22 3.86
CA ARG A 135 9.95 -14.05 2.43
C ARG A 135 10.51 -15.34 1.83
N PHE A 136 11.48 -15.95 2.51
CA PHE A 136 12.10 -17.17 2.03
C PHE A 136 11.05 -18.29 1.88
N TYR A 137 10.31 -18.56 2.96
CA TYR A 137 9.37 -19.66 2.98
C TYR A 137 8.19 -19.38 2.05
N MET A 138 7.78 -18.11 1.91
CA MET A 138 6.69 -17.80 1.00
C MET A 138 7.15 -18.12 -0.42
N TYR A 139 8.39 -17.76 -0.73
CA TYR A 139 8.91 -18.04 -2.06
C TYR A 139 8.90 -19.55 -2.27
N GLU A 140 9.28 -20.33 -1.24
CA GLU A 140 9.35 -21.77 -1.35
C GLU A 140 7.95 -22.35 -1.57
N ILE A 141 6.93 -21.82 -0.87
CA ILE A 141 5.55 -22.27 -1.07
C ILE A 141 5.09 -21.98 -2.51
N LEU A 142 5.47 -20.82 -3.05
CA LEU A 142 5.03 -20.40 -4.38
C LEU A 142 5.66 -21.29 -5.45
N LYS A 143 6.85 -21.84 -5.20
CA LYS A 143 7.43 -22.84 -6.08
C LYS A 143 6.54 -24.09 -6.17
N ALA A 144 5.98 -24.53 -5.04
CA ALA A 144 5.07 -25.66 -4.98
C ALA A 144 3.78 -25.34 -5.71
N LEU A 145 3.21 -24.16 -5.45
CA LEU A 145 1.95 -23.78 -6.08
C LEU A 145 2.10 -23.57 -7.59
N ASP A 146 3.20 -22.99 -8.05
CA ASP A 146 3.40 -22.83 -9.49
C ASP A 146 3.59 -24.19 -10.15
N TYR A 147 4.33 -25.10 -9.51
CA TYR A 147 4.46 -26.45 -10.03
C TYR A 147 3.10 -27.15 -10.13
N CYS A 148 2.36 -27.21 -9.03
CA CYS A 148 1.15 -28.01 -9.01
C CYS A 148 0.14 -27.42 -10.00
N HIS A 149 0.06 -26.09 -10.07
CA HIS A 149 -0.88 -25.46 -10.99
C HIS A 149 -0.48 -25.73 -12.43
N SER A 150 0.82 -25.65 -12.73
CA SER A 150 1.34 -25.93 -14.07
C SER A 150 1.09 -27.39 -14.45
N MET A 151 0.88 -28.24 -13.44
CA MET A 151 0.57 -29.64 -13.63
C MET A 151 -0.95 -29.89 -13.50
N GLY A 152 -1.76 -28.84 -13.57
CA GLY A 152 -3.21 -28.97 -13.68
C GLY A 152 -3.97 -29.24 -12.37
N ILE A 153 -3.28 -29.02 -11.24
CA ILE A 153 -3.80 -29.36 -9.92
C ILE A 153 -3.94 -28.09 -9.08
N MET A 154 -5.03 -28.05 -8.31
CA MET A 154 -5.24 -26.99 -7.30
C MET A 154 -5.29 -27.70 -5.94
N HIS A 155 -4.60 -27.20 -4.92
CA HIS A 155 -4.51 -27.87 -3.59
C HIS A 155 -5.84 -27.74 -2.84
N ARG A 156 -6.38 -26.53 -2.76
CA ARG A 156 -7.72 -26.29 -2.15
C ARG A 156 -7.69 -26.44 -0.63
N ASP A 157 -6.52 -26.59 -0.01
CA ASP A 157 -6.44 -26.63 1.47
C ASP A 157 -5.12 -26.01 1.93
N VAL A 158 -4.78 -24.85 1.38
CA VAL A 158 -3.53 -24.15 1.79
C VAL A 158 -3.77 -23.49 3.14
N LYS A 159 -2.89 -23.72 4.09
CA LYS A 159 -2.98 -23.22 5.45
C LYS A 159 -1.74 -23.67 6.22
N PRO A 160 -1.44 -23.03 7.38
CA PRO A 160 -0.14 -23.24 8.05
C PRO A 160 0.07 -24.70 8.42
N HIS A 161 -0.97 -25.38 8.94
CA HIS A 161 -0.91 -26.79 9.31
C HIS A 161 -0.46 -27.69 8.14
N ASN A 162 -0.73 -27.30 6.88
CA ASN A 162 -0.35 -28.11 5.72
C ASN A 162 0.97 -27.63 5.10
N VAL A 163 1.73 -26.81 5.83
CA VAL A 163 3.09 -26.42 5.44
C VAL A 163 4.06 -26.91 6.51
N MET A 164 4.89 -27.90 6.16
CA MET A 164 5.81 -28.53 7.09
C MET A 164 7.17 -27.90 6.84
N ILE A 165 7.70 -27.24 7.88
CA ILE A 165 9.01 -26.63 7.75
C ILE A 165 9.96 -27.29 8.76
N ASP A 166 11.11 -27.73 8.22
CA ASP A 166 12.30 -28.05 8.99
C ASP A 166 13.23 -26.83 9.03
N HIS A 167 13.12 -25.99 10.06
CA HIS A 167 13.89 -24.75 10.09
C HIS A 167 15.38 -25.02 10.04
N GLU A 168 15.85 -26.04 10.78
CA GLU A 168 17.26 -26.34 10.84
C GLU A 168 17.86 -26.49 9.43
N HIS A 169 17.13 -27.09 8.47
CA HIS A 169 17.66 -27.31 7.11
C HIS A 169 17.07 -26.36 6.06
N ARG A 170 16.29 -25.36 6.48
CA ARG A 170 15.71 -24.37 5.56
C ARG A 170 14.97 -25.10 4.46
N LYS A 171 14.05 -25.97 4.88
CA LYS A 171 13.47 -26.99 4.03
C LYS A 171 11.95 -27.05 4.28
N LEU A 172 11.16 -27.02 3.20
CA LEU A 172 9.72 -26.84 3.32
C LEU A 172 9.03 -27.84 2.39
N ARG A 173 7.87 -28.36 2.86
CA ARG A 173 7.09 -29.30 2.07
C ARG A 173 5.62 -28.95 2.21
N LEU A 174 4.92 -28.87 1.08
CA LEU A 174 3.48 -28.70 1.13
C LEU A 174 2.81 -30.08 1.14
N ILE A 175 2.02 -30.33 2.19
CA ILE A 175 1.49 -31.66 2.47
C ILE A 175 -0.03 -31.64 2.34
N ASP A 176 -0.61 -32.80 2.62
CA ASP A 176 -2.05 -33.00 2.62
C ASP A 176 -2.73 -32.55 1.32
N TRP A 177 -2.64 -33.43 0.30
CA TRP A 177 -3.22 -33.25 -1.01
C TRP A 177 -4.58 -33.95 -1.12
N GLY A 178 -5.22 -34.19 0.02
CA GLY A 178 -6.43 -35.00 0.07
C GLY A 178 -7.67 -34.24 -0.40
N LEU A 179 -7.58 -32.91 -0.50
CA LEU A 179 -8.67 -32.10 -1.01
C LEU A 179 -8.34 -31.55 -2.39
N ALA A 180 -7.13 -31.84 -2.90
CA ALA A 180 -6.69 -31.31 -4.18
C ALA A 180 -7.56 -31.87 -5.30
N GLU A 181 -7.65 -31.13 -6.43
CA GLU A 181 -8.47 -31.54 -7.56
C GLU A 181 -7.78 -31.08 -8.84
N PHE A 182 -8.18 -31.69 -9.95
CA PHE A 182 -7.70 -31.39 -11.30
C PHE A 182 -8.49 -30.23 -11.86
N TYR A 183 -7.81 -29.23 -12.44
CA TYR A 183 -8.52 -28.11 -13.04
C TYR A 183 -8.93 -28.44 -14.49
N HIS A 184 -10.24 -28.39 -14.75
CA HIS A 184 -10.77 -28.54 -16.10
C HIS A 184 -11.70 -27.36 -16.44
N PRO A 185 -11.44 -26.65 -17.56
CA PRO A 185 -12.24 -25.50 -17.93
C PRO A 185 -13.72 -25.87 -18.05
N GLY A 186 -14.56 -25.09 -17.38
CA GLY A 186 -16.00 -25.28 -17.44
C GLY A 186 -16.49 -26.08 -16.24
N GLN A 187 -15.58 -26.70 -15.48
CA GLN A 187 -16.02 -27.56 -14.38
C GLN A 187 -16.47 -26.70 -13.21
N GLU A 188 -17.58 -27.16 -12.62
CA GLU A 188 -18.13 -26.66 -11.37
C GLU A 188 -17.73 -27.60 -10.27
N TYR A 189 -17.12 -27.02 -9.23
CA TYR A 189 -16.50 -27.77 -8.16
C TYR A 189 -17.31 -27.58 -6.89
N ASN A 190 -17.02 -28.42 -5.90
CA ASN A 190 -17.62 -28.32 -4.58
C ASN A 190 -16.98 -27.14 -3.89
N VAL A 191 -17.81 -26.28 -3.29
CA VAL A 191 -17.33 -25.12 -2.55
C VAL A 191 -17.04 -25.46 -1.08
N ARG A 192 -17.55 -26.62 -0.59
CA ARG A 192 -17.38 -27.03 0.80
C ARG A 192 -15.99 -27.66 0.95
N VAL A 193 -14.96 -26.83 0.75
CA VAL A 193 -13.56 -27.22 0.82
C VAL A 193 -12.76 -26.12 1.55
N ALA A 194 -11.59 -26.49 2.10
CA ALA A 194 -10.67 -25.58 2.75
C ALA A 194 -11.17 -25.29 4.16
N SER A 195 -10.28 -24.80 5.04
CA SER A 195 -10.69 -24.37 6.38
C SER A 195 -11.40 -23.02 6.31
N ARG A 196 -12.35 -22.81 7.21
CA ARG A 196 -13.17 -21.59 7.24
C ARG A 196 -12.32 -20.32 7.04
N TYR A 197 -11.19 -20.23 7.75
CA TYR A 197 -10.44 -18.98 7.85
C TYR A 197 -9.67 -18.72 6.56
N PHE A 198 -9.53 -19.77 5.72
CA PHE A 198 -8.71 -19.73 4.50
C PHE A 198 -9.58 -19.79 3.24
N LYS A 199 -10.91 -19.84 3.40
CA LYS A 199 -11.83 -19.92 2.27
C LYS A 199 -11.87 -18.61 1.48
N GLY A 200 -11.73 -18.73 0.16
CA GLY A 200 -11.89 -17.61 -0.75
C GLY A 200 -13.36 -17.17 -0.80
N PRO A 201 -13.62 -15.91 -1.20
CA PRO A 201 -14.97 -15.41 -1.42
C PRO A 201 -15.83 -16.25 -2.37
N GLU A 202 -15.18 -16.78 -3.41
CA GLU A 202 -15.87 -17.58 -4.42
C GLU A 202 -16.58 -18.75 -3.73
N LEU A 203 -15.91 -19.41 -2.77
CA LEU A 203 -16.53 -20.49 -2.01
C LEU A 203 -17.66 -19.96 -1.14
N LEU A 204 -17.47 -18.77 -0.55
CA LEU A 204 -18.41 -18.23 0.42
C LEU A 204 -19.71 -17.77 -0.25
N VAL A 205 -19.64 -17.33 -1.51
CA VAL A 205 -20.84 -16.90 -2.22
C VAL A 205 -21.39 -18.02 -3.12
N ASP A 206 -20.72 -19.17 -3.13
CA ASP A 206 -21.15 -20.35 -3.88
C ASP A 206 -20.98 -20.14 -5.40
N TYR A 207 -19.82 -19.63 -5.84
CA TYR A 207 -19.46 -19.63 -7.25
C TYR A 207 -18.56 -20.83 -7.52
N GLN A 208 -19.10 -21.81 -8.26
CA GLN A 208 -18.48 -23.12 -8.33
C GLN A 208 -17.39 -23.24 -9.40
N MET A 209 -17.26 -22.26 -10.30
CA MET A 209 -16.46 -22.44 -11.51
C MET A 209 -15.14 -21.75 -11.27
N TYR A 210 -14.50 -22.20 -10.19
CA TYR A 210 -13.31 -21.55 -9.64
C TYR A 210 -12.08 -22.29 -10.17
N ASP A 211 -10.88 -21.88 -9.72
CA ASP A 211 -9.65 -22.36 -10.34
C ASP A 211 -8.48 -22.26 -9.35
N TYR A 212 -7.28 -22.46 -9.88
CA TYR A 212 -6.03 -22.35 -9.15
C TYR A 212 -5.95 -21.12 -8.24
N SER A 213 -6.63 -20.02 -8.60
CA SER A 213 -6.47 -18.73 -7.94
C SER A 213 -7.03 -18.77 -6.51
N LEU A 214 -7.91 -19.74 -6.25
CA LEU A 214 -8.32 -20.07 -4.90
C LEU A 214 -7.11 -20.23 -3.97
N ASP A 215 -6.07 -20.93 -4.44
CA ASP A 215 -4.92 -21.18 -3.58
C ASP A 215 -4.20 -19.87 -3.26
N MET A 216 -4.36 -18.86 -4.13
CA MET A 216 -3.65 -17.60 -3.97
C MET A 216 -4.34 -16.76 -2.89
N TRP A 217 -5.67 -16.82 -2.81
CA TRP A 217 -6.35 -16.22 -1.68
C TRP A 217 -5.82 -16.80 -0.36
N SER A 218 -5.93 -18.13 -0.24
CA SER A 218 -5.56 -18.77 1.00
C SER A 218 -4.08 -18.50 1.33
N LEU A 219 -3.19 -18.39 0.35
CA LEU A 219 -1.83 -17.96 0.65
C LEU A 219 -1.81 -16.54 1.24
N GLY A 220 -2.71 -15.68 0.74
CA GLY A 220 -2.80 -14.32 1.24
C GLY A 220 -3.12 -14.30 2.74
N CYS A 221 -4.17 -15.05 3.12
CA CYS A 221 -4.59 -15.23 4.51
C CYS A 221 -3.43 -15.69 5.41
N MET A 222 -2.62 -16.63 4.92
CA MET A 222 -1.43 -17.06 5.64
C MET A 222 -0.47 -15.88 5.83
N LEU A 223 -0.21 -15.14 4.73
CA LEU A 223 0.82 -14.10 4.78
C LEU A 223 0.40 -13.03 5.78
N ALA A 224 -0.86 -12.62 5.70
CA ALA A 224 -1.40 -11.62 6.60
C ALA A 224 -1.18 -12.04 8.05
N SER A 225 -1.61 -13.25 8.43
CA SER A 225 -1.49 -13.65 9.83
C SER A 225 -0.02 -13.66 10.24
N MET A 226 0.88 -14.02 9.33
CA MET A 226 2.29 -14.09 9.66
C MET A 226 2.84 -12.69 9.91
N ILE A 227 2.57 -11.71 9.04
CA ILE A 227 3.22 -10.41 9.15
C ILE A 227 2.56 -9.49 10.17
N PHE A 228 1.25 -9.65 10.43
CA PHE A 228 0.52 -8.86 11.40
C PHE A 228 0.36 -9.58 12.75
N ARG A 229 0.89 -10.81 12.85
CA ARG A 229 0.80 -11.63 14.07
C ARG A 229 -0.63 -11.62 14.59
N LYS A 230 -1.58 -12.00 13.73
CA LYS A 230 -2.97 -12.22 14.11
C LYS A 230 -3.48 -13.47 13.40
N GLU A 231 -3.61 -14.58 14.14
CA GLU A 231 -3.88 -15.91 13.61
C GLU A 231 -5.15 -16.41 14.28
N PRO A 232 -6.27 -16.65 13.57
CA PRO A 232 -6.40 -16.32 12.15
C PRO A 232 -6.55 -14.81 11.91
N PHE A 233 -6.34 -14.40 10.66
CA PHE A 233 -6.52 -13.03 10.23
C PHE A 233 -7.99 -12.69 9.98
N PHE A 234 -8.72 -13.54 9.28
CA PHE A 234 -10.16 -13.38 9.11
C PHE A 234 -10.86 -14.42 9.98
N HIS A 235 -11.29 -14.00 11.17
CA HIS A 235 -11.86 -14.84 12.21
C HIS A 235 -13.39 -14.84 12.15
N GLY A 236 -13.94 -15.57 11.19
CA GLY A 236 -15.40 -15.69 11.10
C GLY A 236 -15.96 -16.72 12.08
N HIS A 237 -17.23 -16.54 12.46
CA HIS A 237 -17.95 -17.42 13.38
C HIS A 237 -18.63 -18.58 12.65
N ASP A 238 -18.77 -18.44 11.33
CA ASP A 238 -19.37 -19.45 10.45
C ASP A 238 -19.04 -19.04 9.00
N ASN A 239 -19.63 -19.73 8.01
CA ASN A 239 -19.31 -19.44 6.63
C ASN A 239 -19.85 -18.07 6.20
N TYR A 240 -20.99 -17.65 6.73
CA TYR A 240 -21.56 -16.33 6.43
C TYR A 240 -20.75 -15.20 7.08
N ASP A 241 -20.52 -15.31 8.39
CA ASP A 241 -19.76 -14.29 9.08
C ASP A 241 -18.32 -14.24 8.57
N GLN A 242 -17.81 -15.31 7.94
CA GLN A 242 -16.47 -15.26 7.39
C GLN A 242 -16.41 -14.24 6.25
N LEU A 243 -17.47 -14.17 5.43
CA LEU A 243 -17.49 -13.21 4.33
C LEU A 243 -17.64 -11.80 4.87
N VAL A 244 -18.33 -11.67 6.02
CA VAL A 244 -18.49 -10.37 6.63
C VAL A 244 -17.14 -9.87 7.13
N ARG A 245 -16.35 -10.75 7.75
CA ARG A 245 -15.06 -10.35 8.26
C ARG A 245 -14.20 -9.82 7.14
N ILE A 246 -14.26 -10.48 5.98
CA ILE A 246 -13.53 -10.10 4.79
C ILE A 246 -14.01 -8.74 4.31
N ALA A 247 -15.35 -8.57 4.28
CA ALA A 247 -15.98 -7.33 3.82
C ALA A 247 -15.61 -6.14 4.70
N LYS A 248 -15.44 -6.37 6.02
CA LYS A 248 -15.03 -5.33 6.96
C LYS A 248 -13.58 -4.88 6.71
N VAL A 249 -12.82 -5.59 5.88
CA VAL A 249 -11.47 -5.16 5.56
C VAL A 249 -11.34 -4.70 4.10
N LEU A 250 -11.92 -5.47 3.17
CA LEU A 250 -11.78 -5.19 1.74
C LEU A 250 -12.87 -4.22 1.26
N GLY A 251 -13.90 -4.03 2.08
CA GLY A 251 -15.01 -3.17 1.72
C GLY A 251 -16.05 -3.95 0.95
N THR A 252 -17.27 -3.40 0.85
CA THR A 252 -18.38 -4.07 0.22
C THR A 252 -18.61 -3.60 -1.21
N GLU A 253 -18.01 -2.48 -1.61
CA GLU A 253 -18.20 -1.94 -2.95
C GLU A 253 -17.62 -2.92 -3.97
N ASP A 254 -16.37 -3.38 -3.72
CA ASP A 254 -15.68 -4.34 -4.56
C ASP A 254 -16.42 -5.68 -4.55
N LEU A 255 -17.01 -6.02 -3.40
CA LEU A 255 -17.72 -7.28 -3.25
C LEU A 255 -18.92 -7.28 -4.17
N TYR A 256 -19.74 -6.23 -4.12
CA TYR A 256 -20.95 -6.16 -4.93
C TYR A 256 -20.62 -6.01 -6.41
N ASP A 257 -19.47 -5.40 -6.73
CA ASP A 257 -19.00 -5.35 -8.12
C ASP A 257 -18.61 -6.75 -8.60
N TYR A 258 -17.96 -7.54 -7.71
CA TYR A 258 -17.63 -8.93 -7.95
C TYR A 258 -18.88 -9.75 -8.18
N ILE A 259 -19.92 -9.63 -7.33
CA ILE A 259 -21.09 -10.46 -7.52
C ILE A 259 -21.80 -10.01 -8.82
N ASP A 260 -21.78 -8.70 -9.13
CA ASP A 260 -22.43 -8.21 -10.34
C ASP A 260 -21.76 -8.73 -11.60
N LYS A 261 -20.42 -8.81 -11.60
CA LYS A 261 -19.66 -9.17 -12.78
C LYS A 261 -19.98 -10.61 -13.17
N TYR A 262 -20.14 -11.49 -12.17
CA TYR A 262 -20.34 -12.92 -12.41
C TYR A 262 -21.80 -13.30 -12.23
N ASN A 263 -22.66 -12.28 -12.06
CA ASN A 263 -24.09 -12.50 -11.95
C ASN A 263 -24.37 -13.61 -10.95
N ILE A 264 -23.85 -13.45 -9.75
CA ILE A 264 -23.98 -14.43 -8.68
C ILE A 264 -25.27 -14.20 -7.89
N GLU A 265 -26.12 -15.24 -7.81
CA GLU A 265 -27.31 -15.21 -6.99
C GLU A 265 -26.88 -15.30 -5.53
N LEU A 266 -27.08 -14.24 -4.76
CA LEU A 266 -26.55 -14.20 -3.40
C LEU A 266 -27.60 -14.74 -2.45
N ASP A 267 -27.20 -15.71 -1.61
CA ASP A 267 -28.06 -16.28 -0.59
C ASP A 267 -28.73 -15.13 0.18
N PRO A 268 -30.08 -15.06 0.29
CA PRO A 268 -30.75 -13.83 0.78
C PRO A 268 -30.38 -13.45 2.21
N ARG A 269 -30.00 -14.48 3.00
CA ARG A 269 -29.53 -14.36 4.37
C ARG A 269 -28.42 -13.32 4.48
N PHE A 270 -27.39 -13.46 3.64
CA PHE A 270 -26.29 -12.51 3.51
C PHE A 270 -26.76 -11.06 3.38
N ASN A 271 -27.90 -10.85 2.69
CA ASN A 271 -28.44 -9.51 2.49
C ASN A 271 -28.29 -8.71 3.79
N ASP A 272 -28.84 -9.21 4.90
CA ASP A 272 -28.80 -8.49 6.17
C ASP A 272 -27.35 -8.20 6.57
N ILE A 273 -26.62 -9.25 6.94
CA ILE A 273 -25.46 -9.15 7.82
C ILE A 273 -24.25 -8.46 7.18
N LEU A 274 -24.24 -8.23 5.86
CA LEU A 274 -23.10 -7.63 5.19
C LEU A 274 -23.07 -6.11 5.42
N GLY A 275 -24.20 -5.44 5.29
CA GLY A 275 -24.19 -3.99 5.47
C GLY A 275 -23.36 -3.27 4.40
N ARG A 276 -22.71 -2.16 4.81
CA ARG A 276 -21.92 -1.28 3.96
C ARG A 276 -20.62 -1.00 4.72
N HIS A 277 -19.48 -1.28 4.11
CA HIS A 277 -18.21 -1.21 4.81
C HIS A 277 -17.18 -0.62 3.86
N SER A 278 -16.36 0.27 4.40
CA SER A 278 -15.29 0.88 3.64
C SER A 278 -14.13 -0.10 3.51
N ARG A 279 -13.35 0.06 2.44
CA ARG A 279 -12.12 -0.69 2.29
C ARG A 279 -11.06 -0.06 3.18
N LYS A 280 -10.50 -0.86 4.11
CA LYS A 280 -9.58 -0.37 5.11
C LYS A 280 -8.15 -0.36 4.58
N ARG A 281 -7.28 0.37 5.27
CA ARG A 281 -5.87 0.46 4.97
C ARG A 281 -5.14 -0.51 5.91
N TRP A 282 -3.97 -0.99 5.46
CA TRP A 282 -3.24 -2.06 6.13
C TRP A 282 -2.66 -1.57 7.46
N GLU A 283 -2.59 -0.25 7.64
CA GLU A 283 -1.94 0.33 8.83
C GLU A 283 -2.67 -0.09 10.11
N ARG A 284 -3.99 -0.18 10.04
CA ARG A 284 -4.79 -0.51 11.22
C ARG A 284 -4.23 -1.75 11.95
N PHE A 285 -3.59 -2.66 11.21
CA PHE A 285 -3.16 -3.94 11.74
C PHE A 285 -1.68 -3.86 12.10
N VAL A 286 -1.03 -2.70 11.85
CA VAL A 286 0.36 -2.50 12.22
C VAL A 286 0.45 -1.89 13.62
N HIS A 287 1.32 -2.50 14.46
CA HIS A 287 1.54 -2.19 15.86
C HIS A 287 3.05 -2.36 16.08
N SER A 288 3.54 -2.16 17.31
CA SER A 288 4.98 -2.22 17.55
C SER A 288 5.47 -3.67 17.69
N GLU A 289 4.58 -4.59 18.11
CA GLU A 289 4.91 -6.01 18.16
C GLU A 289 5.26 -6.55 16.75
N ASN A 290 4.60 -6.07 15.66
CA ASN A 290 4.75 -6.70 14.35
C ASN A 290 5.54 -5.88 13.32
N GLN A 291 5.85 -4.61 13.60
CA GLN A 291 6.31 -3.63 12.63
C GLN A 291 7.56 -4.11 11.89
N HIS A 292 8.38 -4.93 12.57
CA HIS A 292 9.63 -5.44 12.02
C HIS A 292 9.39 -6.37 10.82
N LEU A 293 8.13 -6.86 10.67
CA LEU A 293 7.75 -7.81 9.64
C LEU A 293 6.95 -7.13 8.52
N VAL A 294 6.38 -5.95 8.83
CA VAL A 294 5.59 -5.19 7.89
C VAL A 294 6.46 -4.16 7.15
N SER A 295 6.31 -4.15 5.83
CA SER A 295 7.07 -3.30 4.96
C SER A 295 6.17 -2.94 3.78
N PRO A 296 6.43 -1.79 3.11
CA PRO A 296 5.63 -1.39 1.94
C PRO A 296 5.53 -2.48 0.86
N GLU A 297 6.63 -3.22 0.60
CA GLU A 297 6.61 -4.29 -0.39
C GLU A 297 5.64 -5.39 0.06
N ALA A 298 5.70 -5.74 1.35
CA ALA A 298 4.89 -6.81 1.86
C ALA A 298 3.41 -6.48 1.69
N LEU A 299 3.05 -5.21 1.95
CA LEU A 299 1.66 -4.80 1.87
C LEU A 299 1.17 -4.71 0.42
N ASP A 300 2.05 -4.28 -0.49
CA ASP A 300 1.76 -4.26 -1.92
C ASP A 300 1.44 -5.69 -2.35
N PHE A 301 2.38 -6.61 -2.03
CA PHE A 301 2.24 -8.04 -2.30
C PHE A 301 0.91 -8.59 -1.78
N LEU A 302 0.61 -8.33 -0.51
CA LEU A 302 -0.60 -8.85 0.11
C LEU A 302 -1.85 -8.30 -0.58
N ASP A 303 -1.84 -7.02 -0.97
CA ASP A 303 -3.02 -6.41 -1.58
C ASP A 303 -3.42 -7.14 -2.87
N LYS A 304 -2.41 -7.59 -3.60
CA LYS A 304 -2.54 -8.21 -4.91
C LYS A 304 -2.88 -9.70 -4.82
N LEU A 305 -2.87 -10.29 -3.61
CA LEU A 305 -3.38 -11.63 -3.43
C LEU A 305 -4.84 -11.55 -3.01
N LEU A 306 -5.16 -10.64 -2.09
CA LEU A 306 -6.45 -10.64 -1.42
C LEU A 306 -7.44 -9.77 -2.19
N ARG A 307 -7.92 -10.33 -3.30
CA ARG A 307 -8.88 -9.63 -4.17
C ARG A 307 -10.10 -10.55 -4.37
N TYR A 308 -11.31 -10.02 -4.24
CA TYR A 308 -12.54 -10.80 -4.35
C TYR A 308 -12.55 -11.57 -5.67
N ASP A 309 -12.26 -10.85 -6.74
CA ASP A 309 -12.30 -11.36 -8.09
C ASP A 309 -11.05 -12.20 -8.30
N HIS A 310 -11.28 -13.51 -8.35
CA HIS A 310 -10.25 -14.51 -8.50
C HIS A 310 -9.41 -14.25 -9.76
N GLN A 311 -10.05 -13.69 -10.80
CA GLN A 311 -9.38 -13.46 -12.07
C GLN A 311 -8.31 -12.38 -11.93
N SER A 312 -8.39 -11.52 -10.91
CA SER A 312 -7.47 -10.39 -10.81
C SER A 312 -6.37 -10.58 -9.74
N ARG A 313 -6.34 -11.74 -9.05
CA ARG A 313 -5.31 -12.06 -8.07
C ARG A 313 -4.03 -12.42 -8.79
N LEU A 314 -2.88 -12.30 -8.10
CA LEU A 314 -1.60 -12.65 -8.71
C LEU A 314 -1.62 -14.14 -9.00
N THR A 315 -0.97 -14.53 -10.08
CA THR A 315 -0.61 -15.93 -10.27
C THR A 315 0.60 -16.23 -9.40
N ALA A 316 0.84 -17.51 -9.13
CA ALA A 316 2.05 -17.91 -8.43
C ALA A 316 3.28 -17.33 -9.12
N ARG A 317 3.34 -17.40 -10.47
CA ARG A 317 4.55 -17.00 -11.20
C ARG A 317 4.76 -15.49 -11.06
N GLU A 318 3.66 -14.72 -11.17
CA GLU A 318 3.68 -13.27 -10.98
C GLU A 318 4.14 -12.92 -9.57
N ALA A 319 3.56 -13.59 -8.57
CA ALA A 319 3.92 -13.38 -7.18
C ALA A 319 5.42 -13.55 -6.96
N MET A 320 6.03 -14.59 -7.56
CA MET A 320 7.44 -14.85 -7.35
C MET A 320 8.31 -13.72 -7.94
N GLU A 321 7.74 -12.88 -8.82
CA GLU A 321 8.49 -11.84 -9.49
C GLU A 321 8.32 -10.49 -8.79
N HIS A 322 7.54 -10.46 -7.70
CA HIS A 322 7.26 -9.27 -6.91
C HIS A 322 8.50 -8.84 -6.12
N PRO A 323 8.69 -7.49 -5.95
CA PRO A 323 9.80 -6.91 -5.17
C PRO A 323 10.01 -7.44 -3.75
N TYR A 324 8.94 -7.83 -3.05
CA TYR A 324 9.08 -8.50 -1.76
C TYR A 324 10.14 -9.61 -1.78
N PHE A 325 10.40 -10.26 -2.92
CA PHE A 325 11.29 -11.40 -2.99
C PHE A 325 12.62 -11.08 -3.69
N TYR A 326 12.96 -9.79 -3.89
CA TYR A 326 14.20 -9.46 -4.60
C TYR A 326 15.43 -9.91 -3.81
N THR A 327 15.35 -9.84 -2.48
CA THR A 327 16.48 -10.33 -1.64
C THR A 327 16.63 -11.83 -1.83
N VAL A 328 15.55 -12.58 -1.64
CA VAL A 328 15.61 -14.07 -1.74
C VAL A 328 16.10 -14.46 -3.12
N VAL A 329 15.56 -13.83 -4.16
CA VAL A 329 15.91 -14.25 -5.54
C VAL A 329 17.42 -14.10 -5.76
N LYS A 330 18.02 -12.97 -5.37
CA LYS A 330 19.48 -12.85 -5.52
C LYS A 330 20.22 -14.01 -4.83
N ASP A 331 19.86 -14.39 -3.58
CA ASP A 331 20.40 -15.56 -2.88
C ASP A 331 19.63 -16.84 -3.24
N GLY B 4 -22.23 23.94 15.21
CA GLY B 4 -20.99 24.49 14.66
C GLY B 4 -19.88 23.43 14.53
N PRO B 5 -18.75 23.73 13.86
CA PRO B 5 -17.69 22.74 13.64
C PRO B 5 -16.88 22.38 14.90
N VAL B 6 -16.34 21.15 14.90
CA VAL B 6 -15.51 20.63 15.97
C VAL B 6 -14.11 21.26 15.85
N PRO B 7 -13.52 21.77 16.96
CA PRO B 7 -12.16 22.30 16.98
C PRO B 7 -11.09 21.26 16.67
N SER B 8 -9.89 21.77 16.37
CA SER B 8 -8.71 20.99 16.00
C SER B 8 -7.47 21.78 16.43
N ARG B 9 -6.40 21.04 16.80
CA ARG B 9 -5.08 21.58 17.11
C ARG B 9 -4.08 20.71 16.34
N ALA B 10 -2.95 21.29 15.92
CA ALA B 10 -1.85 20.51 15.35
C ALA B 10 -1.39 19.44 16.33
N ARG B 11 -1.12 18.23 15.84
CA ARG B 11 -0.48 17.16 16.62
C ARG B 11 0.96 17.51 16.99
N VAL B 12 1.67 18.40 16.27
CA VAL B 12 3.06 18.75 16.60
C VAL B 12 3.24 20.26 16.51
N TYR B 13 4.28 20.71 17.21
CA TYR B 13 4.69 22.09 17.25
C TYR B 13 3.48 22.97 17.58
N THR B 14 2.63 22.48 18.48
CA THR B 14 1.33 23.10 18.74
C THR B 14 1.45 24.53 19.31
N ASP B 15 2.37 24.72 20.27
CA ASP B 15 2.34 25.91 21.13
C ASP B 15 3.65 26.67 20.99
N VAL B 16 4.32 26.43 19.88
CA VAL B 16 5.68 26.91 19.69
C VAL B 16 5.70 28.45 19.69
N ASN B 17 4.61 29.09 19.20
CA ASN B 17 4.58 30.52 19.04
C ASN B 17 4.23 31.20 20.37
N THR B 18 3.35 30.56 21.13
CA THR B 18 2.98 31.01 22.46
C THR B 18 4.24 31.23 23.31
N HIS B 19 5.25 30.36 23.17
CA HIS B 19 6.41 30.32 24.03
C HIS B 19 7.50 31.25 23.51
N ARG B 20 7.19 31.98 22.43
CA ARG B 20 8.15 32.91 21.86
C ARG B 20 7.83 34.31 22.37
N PRO B 21 8.74 35.29 22.18
CA PRO B 21 8.42 36.67 22.48
C PRO B 21 7.37 37.12 21.45
N ARG B 22 6.43 37.99 21.83
CA ARG B 22 5.33 38.39 20.92
C ARG B 22 5.89 38.88 19.58
N GLU B 23 6.99 39.63 19.61
CA GLU B 23 7.54 40.22 18.36
C GLU B 23 7.71 39.16 17.27
N TYR B 24 8.03 37.92 17.65
CA TYR B 24 8.28 36.86 16.65
C TYR B 24 7.06 36.66 15.78
N TRP B 25 5.87 36.75 16.35
CA TRP B 25 4.67 36.41 15.57
C TRP B 25 3.72 37.59 15.39
N ASP B 26 3.89 38.65 16.17
CA ASP B 26 2.95 39.76 16.10
C ASP B 26 3.47 40.70 15.02
N TYR B 27 3.32 40.29 13.76
CA TYR B 27 4.05 40.89 12.66
C TYR B 27 3.57 42.32 12.40
N GLU B 28 2.33 42.67 12.78
CA GLU B 28 1.87 44.03 12.58
C GLU B 28 2.75 45.09 13.27
N SER B 29 3.55 44.71 14.28
CA SER B 29 4.52 45.58 14.98
C SER B 29 5.84 45.74 14.24
N HIS B 30 6.07 44.97 13.15
CA HIS B 30 7.39 44.94 12.57
C HIS B 30 7.66 46.27 11.86
N VAL B 31 8.83 46.88 12.14
CA VAL B 31 9.28 48.06 11.42
C VAL B 31 10.27 47.60 10.34
N VAL B 32 9.99 47.99 9.09
CA VAL B 32 10.88 47.72 7.98
C VAL B 32 11.99 48.79 7.95
N GLU B 33 13.25 48.35 8.06
CA GLU B 33 14.43 49.14 7.77
C GLU B 33 14.79 48.97 6.28
N TRP B 34 14.60 50.02 5.47
CA TRP B 34 14.86 49.97 4.03
C TRP B 34 16.37 49.93 3.72
N GLY B 35 16.71 49.21 2.65
CA GLY B 35 17.99 49.34 2.00
C GLY B 35 17.93 50.39 0.89
N ASN B 36 19.05 50.53 0.18
CA ASN B 36 19.19 51.50 -0.88
C ASN B 36 18.75 50.89 -2.22
N GLN B 37 17.69 51.43 -2.84
CA GLN B 37 17.19 50.93 -4.13
C GLN B 37 18.26 50.99 -5.24
N ASP B 38 19.17 51.98 -5.16
CA ASP B 38 20.15 52.25 -6.20
C ASP B 38 21.25 51.19 -6.20
N ASP B 39 21.23 50.26 -5.25
CA ASP B 39 22.25 49.23 -5.18
C ASP B 39 21.94 48.10 -6.15
N TYR B 40 20.68 48.05 -6.63
CA TYR B 40 20.22 46.97 -7.51
C TYR B 40 19.74 47.55 -8.83
N GLN B 41 20.32 47.05 -9.93
CA GLN B 41 19.89 47.36 -11.28
C GLN B 41 19.25 46.13 -11.88
N LEU B 42 18.02 46.29 -12.40
CA LEU B 42 17.29 45.17 -12.97
C LEU B 42 17.89 44.76 -14.30
N VAL B 43 18.00 43.44 -14.53
CA VAL B 43 18.64 42.91 -15.72
C VAL B 43 17.57 42.46 -16.67
N ARG B 44 16.73 41.51 -16.23
CA ARG B 44 15.63 41.01 -17.04
C ARG B 44 14.47 40.56 -16.17
N LYS B 45 13.30 40.38 -16.80
CA LYS B 45 12.12 39.93 -16.10
C LYS B 45 12.07 38.42 -16.14
N LEU B 46 11.82 37.76 -15.01
CA LEU B 46 11.72 36.31 -14.98
C LEU B 46 10.26 35.84 -15.03
N GLY B 47 9.28 36.65 -14.62
CA GLY B 47 7.90 36.19 -14.59
C GLY B 47 7.00 37.13 -13.81
N ARG B 48 5.69 37.07 -14.10
CA ARG B 48 4.64 37.78 -13.38
C ARG B 48 3.96 36.75 -12.48
N GLY B 49 3.80 37.07 -11.19
CA GLY B 49 3.04 36.24 -10.28
C GLY B 49 1.67 36.85 -9.97
N LYS B 50 0.91 36.22 -9.06
CA LYS B 50 -0.39 36.72 -8.64
C LYS B 50 -0.18 38.04 -7.88
N TYR B 51 0.96 38.16 -7.16
CA TYR B 51 1.18 39.18 -6.15
C TYR B 51 2.42 40.04 -6.43
N SER B 52 3.13 39.80 -7.55
CA SER B 52 4.43 40.39 -7.78
C SER B 52 4.86 40.29 -9.23
N GLU B 53 5.86 41.11 -9.59
CA GLU B 53 6.69 40.87 -10.75
C GLU B 53 8.11 40.50 -10.28
N VAL B 54 8.75 39.55 -10.96
CA VAL B 54 10.02 39.06 -10.47
C VAL B 54 11.08 39.26 -11.54
N PHE B 55 12.22 39.80 -11.11
CA PHE B 55 13.29 40.19 -12.01
C PHE B 55 14.61 39.66 -11.52
N GLU B 56 15.51 39.38 -12.46
CA GLU B 56 16.92 39.22 -12.16
C GLU B 56 17.49 40.62 -12.11
N ALA B 57 18.42 40.84 -11.17
CA ALA B 57 19.09 42.12 -10.98
C ALA B 57 20.53 41.86 -10.58
N ILE B 58 21.33 42.92 -10.58
CA ILE B 58 22.70 42.81 -10.12
C ILE B 58 22.86 43.82 -8.98
N ASN B 59 23.54 43.35 -7.91
CA ASN B 59 23.90 44.22 -6.81
C ASN B 59 25.21 44.89 -7.19
N ILE B 60 25.14 46.19 -7.49
CA ILE B 60 26.28 46.89 -8.07
C ILE B 60 27.41 47.06 -7.02
N THR B 61 27.09 46.92 -5.71
CA THR B 61 28.10 47.02 -4.66
C THR B 61 29.11 45.87 -4.75
N ASN B 62 28.69 44.62 -5.02
CA ASN B 62 29.63 43.51 -5.09
C ASN B 62 29.54 42.68 -6.38
N ASN B 63 28.75 43.13 -7.35
CA ASN B 63 28.52 42.36 -8.55
C ASN B 63 27.89 40.98 -8.32
N GLU B 64 27.13 40.76 -7.24
CA GLU B 64 26.41 39.49 -7.08
C GLU B 64 25.07 39.56 -7.82
N LYS B 65 24.70 38.45 -8.47
CA LYS B 65 23.39 38.26 -9.08
C LYS B 65 22.36 38.08 -7.96
N VAL B 66 21.17 38.61 -8.17
CA VAL B 66 20.15 38.74 -7.14
C VAL B 66 18.78 38.66 -7.83
N VAL B 67 17.73 38.28 -7.10
CA VAL B 67 16.37 38.25 -7.64
C VAL B 67 15.51 39.24 -6.85
N VAL B 68 14.68 40.00 -7.56
CA VAL B 68 13.95 41.12 -6.99
C VAL B 68 12.47 40.87 -7.27
N LYS B 69 11.69 40.72 -6.20
CA LYS B 69 10.26 40.57 -6.31
C LYS B 69 9.58 41.87 -5.95
N ILE B 70 9.02 42.55 -6.95
CA ILE B 70 8.38 43.85 -6.75
C ILE B 70 6.90 43.58 -6.47
N LEU B 71 6.45 44.01 -5.28
CA LEU B 71 5.13 43.64 -4.84
C LEU B 71 4.09 44.51 -5.58
N LYS B 72 3.02 43.83 -6.01
CA LYS B 72 1.79 44.51 -6.36
C LYS B 72 1.18 45.08 -5.09
N PRO B 73 0.35 46.13 -5.19
CA PRO B 73 -0.30 46.69 -4.01
C PRO B 73 -1.16 45.67 -3.26
N VAL B 74 -0.92 45.56 -1.95
CA VAL B 74 -1.68 44.69 -1.05
C VAL B 74 -1.72 45.37 0.29
N LYS B 75 -2.62 44.90 1.18
CA LYS B 75 -2.58 45.21 2.62
C LYS B 75 -1.13 45.21 3.10
N LYS B 76 -0.67 46.32 3.71
CA LYS B 76 0.62 46.35 4.38
C LYS B 76 0.76 45.22 5.40
N LYS B 77 -0.31 44.79 6.10
CA LYS B 77 -0.24 43.67 7.05
C LYS B 77 0.43 42.46 6.37
N LYS B 78 0.11 42.23 5.09
CA LYS B 78 0.60 41.06 4.38
C LYS B 78 2.07 41.24 3.99
N ILE B 79 2.50 42.48 3.72
CA ILE B 79 3.91 42.71 3.42
C ILE B 79 4.76 42.42 4.67
N LYS B 80 4.30 42.95 5.82
CA LYS B 80 4.98 42.81 7.10
C LYS B 80 5.08 41.33 7.46
N ARG B 81 3.98 40.63 7.21
CA ARG B 81 3.91 39.21 7.47
C ARG B 81 4.96 38.46 6.64
N GLU B 82 4.93 38.66 5.31
CA GLU B 82 5.88 37.96 4.47
C GLU B 82 7.30 38.26 4.94
N ILE B 83 7.58 39.53 5.25
CA ILE B 83 8.93 39.95 5.62
C ILE B 83 9.35 39.30 6.94
N LYS B 84 8.45 39.31 7.92
CA LYS B 84 8.76 38.79 9.24
C LYS B 84 9.06 37.31 9.11
N ILE B 85 8.20 36.58 8.40
CA ILE B 85 8.40 35.15 8.22
C ILE B 85 9.75 34.85 7.56
N LEU B 86 10.12 35.60 6.54
CA LEU B 86 11.40 35.39 5.89
C LEU B 86 12.54 35.63 6.87
N GLU B 87 12.44 36.67 7.71
CA GLU B 87 13.48 37.01 8.68
C GLU B 87 13.59 35.92 9.74
N ASN B 88 12.45 35.44 10.22
CA ASN B 88 12.38 34.37 11.20
C ASN B 88 13.04 33.09 10.66
N LEU B 89 12.87 32.77 9.36
CA LEU B 89 13.32 31.50 8.79
C LEU B 89 14.70 31.59 8.17
N ARG B 90 15.30 32.77 8.19
CA ARG B 90 16.58 33.01 7.51
C ARG B 90 17.66 32.08 8.05
N GLY B 91 18.38 31.40 7.13
CA GLY B 91 19.43 30.43 7.47
C GLY B 91 18.89 29.02 7.71
N GLY B 92 17.57 28.84 7.66
CA GLY B 92 16.98 27.52 7.81
C GLY B 92 17.24 26.67 6.57
N PRO B 93 17.10 25.32 6.66
CA PRO B 93 17.45 24.45 5.55
C PRO B 93 16.49 24.57 4.35
N ASN B 94 17.09 24.90 3.20
CA ASN B 94 16.43 24.97 1.89
C ASN B 94 15.37 26.08 1.88
N ILE B 95 15.53 27.09 2.74
CA ILE B 95 14.65 28.24 2.71
C ILE B 95 15.32 29.38 1.96
N ILE B 96 14.60 30.00 1.03
CA ILE B 96 15.15 31.14 0.32
C ILE B 96 15.60 32.20 1.33
N THR B 97 16.74 32.82 1.05
CA THR B 97 17.32 33.87 1.88
C THR B 97 16.87 35.23 1.39
N LEU B 98 16.26 36.03 2.28
CA LEU B 98 15.92 37.41 1.95
C LEU B 98 17.15 38.23 2.27
N ALA B 99 17.66 38.96 1.27
CA ALA B 99 18.92 39.67 1.41
C ALA B 99 18.71 41.15 1.67
N ASP B 100 17.54 41.72 1.31
CA ASP B 100 17.32 43.16 1.45
C ASP B 100 15.87 43.48 1.11
N ILE B 101 15.45 44.71 1.44
CA ILE B 101 14.14 45.25 1.13
C ILE B 101 14.31 46.70 0.69
N VAL B 102 13.83 47.05 -0.50
CA VAL B 102 13.94 48.41 -0.99
C VAL B 102 12.57 48.88 -1.43
N LYS B 103 12.43 50.21 -1.57
CA LYS B 103 11.18 50.82 -2.01
C LYS B 103 11.36 51.20 -3.47
N ASP B 104 10.54 50.57 -4.30
CA ASP B 104 10.74 50.58 -5.72
C ASP B 104 10.43 52.00 -6.21
N PRO B 105 11.35 52.68 -6.95
CA PRO B 105 11.14 54.07 -7.37
C PRO B 105 9.94 54.31 -8.27
N VAL B 106 9.53 53.27 -9.00
CA VAL B 106 8.44 53.34 -9.97
C VAL B 106 7.11 52.89 -9.33
N SER B 107 6.98 51.63 -8.86
CA SER B 107 5.73 51.18 -8.21
C SER B 107 5.50 51.86 -6.85
N ARG B 108 6.52 52.53 -6.28
CA ARG B 108 6.53 53.11 -4.93
C ARG B 108 6.02 52.05 -3.93
N THR B 109 6.17 50.76 -4.29
CA THR B 109 5.84 49.65 -3.40
C THR B 109 7.13 48.98 -2.97
N PRO B 110 7.05 48.03 -2.02
CA PRO B 110 8.24 47.27 -1.61
C PRO B 110 8.72 46.26 -2.64
N ALA B 111 10.02 46.05 -2.64
CA ALA B 111 10.66 45.05 -3.48
C ALA B 111 11.56 44.23 -2.57
N LEU B 112 11.34 42.92 -2.56
CA LEU B 112 12.12 42.03 -1.73
C LEU B 112 13.26 41.54 -2.60
N VAL B 113 14.48 41.57 -2.06
CA VAL B 113 15.64 41.11 -2.81
C VAL B 113 16.09 39.79 -2.22
N PHE B 114 16.26 38.77 -3.08
CA PHE B 114 16.52 37.40 -2.65
C PHE B 114 17.86 36.96 -3.21
N GLU B 115 18.49 35.98 -2.56
CA GLU B 115 19.58 35.22 -3.15
C GLU B 115 19.08 34.66 -4.49
N HIS B 116 20.02 34.43 -5.42
CA HIS B 116 19.72 33.92 -6.74
C HIS B 116 19.88 32.41 -6.73
N VAL B 117 18.90 31.71 -7.30
CA VAL B 117 19.06 30.31 -7.62
C VAL B 117 19.15 30.13 -9.14
N ASN B 118 20.23 29.51 -9.60
CA ASN B 118 20.34 29.21 -11.03
C ASN B 118 19.48 27.98 -11.31
N ASN B 119 18.20 28.22 -11.57
CA ASN B 119 17.21 27.15 -11.49
C ASN B 119 16.98 26.53 -12.85
N THR B 120 17.03 25.18 -12.86
CA THR B 120 16.64 24.35 -13.98
C THR B 120 15.15 24.55 -14.27
N ASP B 121 14.82 24.55 -15.57
CA ASP B 121 13.49 24.85 -16.09
C ASP B 121 12.54 23.72 -15.67
N PHE B 122 11.30 24.05 -15.29
CA PHE B 122 10.41 23.14 -14.56
C PHE B 122 9.92 21.98 -15.41
N LYS B 123 9.60 22.27 -16.69
CA LYS B 123 9.11 21.28 -17.64
C LYS B 123 10.26 20.32 -18.01
N GLN B 124 11.47 20.85 -18.24
CA GLN B 124 12.65 20.06 -18.59
C GLN B 124 13.11 19.19 -17.41
N LEU B 125 12.67 19.52 -16.18
CA LEU B 125 13.07 18.81 -14.97
C LEU B 125 12.08 17.69 -14.66
N TYR B 126 10.76 17.98 -14.70
CA TYR B 126 9.72 16.99 -14.45
C TYR B 126 9.68 15.95 -15.57
N GLN B 127 10.63 16.07 -16.52
CA GLN B 127 10.78 15.12 -17.61
C GLN B 127 11.96 14.18 -17.36
N THR B 128 13.07 14.68 -16.78
CA THR B 128 14.32 13.94 -16.77
C THR B 128 14.65 13.38 -15.38
N LEU B 129 13.68 13.38 -14.47
CA LEU B 129 13.91 13.08 -13.06
C LEU B 129 13.88 11.57 -12.85
N THR B 130 14.97 11.03 -12.29
CA THR B 130 15.02 9.62 -11.95
C THR B 130 14.22 9.37 -10.66
N ASP B 131 13.88 8.10 -10.41
CA ASP B 131 13.33 7.69 -9.12
C ASP B 131 14.15 8.26 -7.96
N TYR B 132 15.48 8.23 -8.07
CA TYR B 132 16.37 8.68 -6.99
C TYR B 132 16.30 10.19 -6.81
N ASP B 133 16.23 10.94 -7.92
CA ASP B 133 16.20 12.39 -7.85
C ASP B 133 14.96 12.84 -7.06
N ILE B 134 13.80 12.21 -7.33
CA ILE B 134 12.55 12.56 -6.69
C ILE B 134 12.71 12.36 -5.18
N ARG B 135 13.21 11.18 -4.79
CA ARG B 135 13.42 10.89 -3.38
C ARG B 135 14.33 11.96 -2.77
N PHE B 136 15.39 12.32 -3.48
CA PHE B 136 16.34 13.32 -3.01
C PHE B 136 15.66 14.67 -2.76
N TYR B 137 14.97 15.17 -3.77
CA TYR B 137 14.37 16.49 -3.70
C TYR B 137 13.18 16.48 -2.72
N MET B 138 12.47 15.38 -2.60
CA MET B 138 11.39 15.33 -1.62
C MET B 138 11.99 15.41 -0.21
N TYR B 139 13.10 14.73 0.00
CA TYR B 139 13.74 14.77 1.28
C TYR B 139 14.14 16.21 1.58
N GLU B 140 14.68 16.91 0.56
CA GLU B 140 15.13 18.28 0.71
C GLU B 140 13.94 19.20 1.03
N ILE B 141 12.78 19.00 0.37
CA ILE B 141 11.59 19.77 0.68
C ILE B 141 11.15 19.56 2.13
N LEU B 142 11.21 18.32 2.59
CA LEU B 142 10.72 17.96 3.93
C LEU B 142 11.62 18.56 5.01
N LYS B 143 12.90 18.81 4.70
CA LYS B 143 13.78 19.54 5.60
C LYS B 143 13.25 20.97 5.82
N ALA B 144 12.79 21.60 4.73
CA ALA B 144 12.28 22.96 4.77
C ALA B 144 10.96 22.99 5.54
N LEU B 145 10.08 22.02 5.24
CA LEU B 145 8.78 21.99 5.89
C LEU B 145 8.89 21.64 7.39
N ASP B 146 9.81 20.74 7.79
CA ASP B 146 9.95 20.46 9.20
C ASP B 146 10.55 21.69 9.93
N TYR B 147 11.50 22.37 9.29
CA TYR B 147 12.05 23.58 9.87
C TYR B 147 10.96 24.64 10.07
N CYS B 148 10.21 24.96 9.00
CA CYS B 148 9.29 26.08 9.07
C CYS B 148 8.18 25.76 10.06
N HIS B 149 7.73 24.50 10.10
CA HIS B 149 6.70 24.08 11.04
C HIS B 149 7.21 24.14 12.47
N SER B 150 8.46 23.71 12.70
CA SER B 150 9.06 23.77 14.03
C SER B 150 9.23 25.22 14.48
N MET B 151 9.23 26.13 13.51
CA MET B 151 9.34 27.56 13.79
C MET B 151 7.97 28.23 13.74
N GLY B 152 6.89 27.44 13.74
CA GLY B 152 5.56 28.01 13.99
C GLY B 152 4.89 28.57 12.75
N ILE B 153 5.44 28.19 11.59
CA ILE B 153 4.99 28.76 10.33
C ILE B 153 4.51 27.65 9.41
N MET B 154 3.36 27.91 8.76
CA MET B 154 2.85 27.11 7.65
C MET B 154 3.07 27.90 6.36
N HIS B 155 3.48 27.22 5.29
CA HIS B 155 3.75 27.89 3.98
C HIS B 155 2.44 28.21 3.28
N ARG B 156 1.55 27.23 3.14
CA ARG B 156 0.19 27.45 2.57
C ARG B 156 0.22 27.70 1.06
N ASP B 157 1.36 27.45 0.41
CA ASP B 157 1.43 27.58 -1.08
C ASP B 157 2.47 26.61 -1.63
N VAL B 158 2.46 25.36 -1.15
CA VAL B 158 3.40 24.37 -1.66
C VAL B 158 2.93 23.90 -3.03
N LYS B 159 3.85 23.95 -4.01
CA LYS B 159 3.63 23.56 -5.39
C LYS B 159 4.94 23.60 -6.18
N PRO B 160 5.02 22.97 -7.38
CA PRO B 160 6.25 22.88 -8.14
C PRO B 160 6.91 24.23 -8.41
N HIS B 161 6.10 25.22 -8.82
CA HIS B 161 6.60 26.57 -9.12
C HIS B 161 7.25 27.23 -7.90
N ASN B 162 6.91 26.83 -6.65
CA ASN B 162 7.54 27.40 -5.46
C ASN B 162 8.71 26.54 -4.94
N VAL B 163 9.17 25.56 -5.74
CA VAL B 163 10.35 24.78 -5.42
C VAL B 163 11.38 24.98 -6.51
N MET B 164 12.46 25.70 -6.15
CA MET B 164 13.46 26.15 -7.10
C MET B 164 14.61 25.17 -6.96
N ILE B 165 14.89 24.44 -8.03
CA ILE B 165 15.94 23.45 -8.02
C ILE B 165 17.00 23.85 -9.04
N ASP B 166 18.24 23.93 -8.56
CA ASP B 166 19.44 23.99 -9.39
C ASP B 166 19.99 22.57 -9.52
N HIS B 167 19.59 21.87 -10.60
CA HIS B 167 19.94 20.46 -10.73
C HIS B 167 21.45 20.26 -10.78
N GLU B 168 22.16 21.15 -11.47
CA GLU B 168 23.61 21.07 -11.59
C GLU B 168 24.26 20.91 -10.22
N HIS B 169 23.77 21.62 -9.18
CA HIS B 169 24.39 21.59 -7.86
C HIS B 169 23.57 20.80 -6.83
N ARG B 170 22.52 20.08 -7.25
CA ARG B 170 21.73 19.26 -6.34
C ARG B 170 21.27 20.13 -5.15
N LYS B 171 20.63 21.26 -5.47
CA LYS B 171 20.44 22.36 -4.52
C LYS B 171 19.02 22.92 -4.68
N LEU B 172 18.30 23.08 -3.57
CA LEU B 172 16.86 23.26 -3.59
C LEU B 172 16.49 24.38 -2.63
N ARG B 173 15.50 25.22 -3.00
CA ARG B 173 15.03 26.31 -2.14
C ARG B 173 13.52 26.37 -2.19
N LEU B 174 12.89 26.49 -1.03
CA LEU B 174 11.45 26.72 -0.97
C LEU B 174 11.20 28.21 -0.92
N ILE B 175 10.49 28.73 -1.94
CA ILE B 175 10.36 30.17 -2.16
C ILE B 175 8.91 30.60 -1.94
N ASP B 176 8.67 31.89 -2.17
CA ASP B 176 7.35 32.51 -2.10
C ASP B 176 6.63 32.22 -0.78
N TRP B 177 6.99 33.00 0.25
CA TRP B 177 6.40 32.90 1.58
C TRP B 177 5.28 33.93 1.78
N GLY B 178 4.69 34.37 0.66
CA GLY B 178 3.77 35.49 0.69
C GLY B 178 2.39 35.08 1.17
N LEU B 179 2.10 33.76 1.20
CA LEU B 179 0.84 33.26 1.73
C LEU B 179 1.03 32.60 3.10
N ALA B 180 2.29 32.53 3.58
CA ALA B 180 2.61 31.81 4.80
C ALA B 180 1.98 32.51 6.00
N GLU B 181 1.75 31.77 7.09
CA GLU B 181 1.11 32.32 8.28
C GLU B 181 1.67 31.62 9.52
N PHE B 182 1.51 32.29 10.67
CA PHE B 182 1.89 31.79 11.98
C PHE B 182 0.83 30.82 12.50
N TYR B 183 1.24 29.63 12.93
CA TYR B 183 0.25 28.71 13.49
C TYR B 183 -0.05 29.07 14.96
N HIS B 184 -1.32 29.31 15.29
CA HIS B 184 -1.74 29.49 16.67
C HIS B 184 -2.93 28.58 16.96
N PRO B 185 -2.88 27.81 18.06
CA PRO B 185 -3.95 26.88 18.39
C PRO B 185 -5.29 27.59 18.55
N GLY B 186 -6.30 27.09 17.86
CA GLY B 186 -7.63 27.65 17.92
C GLY B 186 -7.88 28.74 16.86
N GLN B 187 -6.83 29.12 16.09
CA GLN B 187 -7.08 30.16 15.09
C GLN B 187 -7.81 29.58 13.89
N GLU B 188 -8.80 30.35 13.40
CA GLU B 188 -9.52 30.07 12.17
C GLU B 188 -8.90 30.91 11.07
N TYR B 189 -8.48 30.25 9.98
CA TYR B 189 -7.68 30.87 8.95
C TYR B 189 -8.54 31.01 7.71
N ASN B 190 -8.06 31.85 6.79
CA ASN B 190 -8.66 32.00 5.47
C ASN B 190 -8.35 30.73 4.68
N VAL B 191 -9.37 30.21 4.01
CA VAL B 191 -9.21 29.01 3.20
C VAL B 191 -8.83 29.34 1.75
N ARG B 192 -8.94 30.61 1.36
CA ARG B 192 -8.59 31.06 0.01
C ARG B 192 -7.08 31.25 -0.06
N VAL B 193 -6.37 30.11 0.04
CA VAL B 193 -4.92 30.06 -0.04
C VAL B 193 -4.53 28.83 -0.88
N ALA B 194 -3.31 28.86 -1.45
CA ALA B 194 -2.74 27.75 -2.19
C ALA B 194 -3.33 27.73 -3.60
N SER B 195 -2.62 27.13 -4.55
CA SER B 195 -3.16 26.90 -5.89
C SER B 195 -4.20 25.77 -5.86
N ARG B 196 -5.20 25.89 -6.72
CA ARG B 196 -6.32 24.98 -6.74
C ARG B 196 -5.89 23.51 -6.69
N TYR B 197 -4.84 23.16 -7.44
CA TYR B 197 -4.49 21.76 -7.64
C TYR B 197 -3.83 21.17 -6.38
N PHE B 198 -3.34 22.07 -5.49
CA PHE B 198 -2.60 21.72 -4.29
C PHE B 198 -3.41 21.99 -3.02
N LYS B 199 -4.68 22.41 -3.16
CA LYS B 199 -5.51 22.75 -2.02
C LYS B 199 -5.95 21.46 -1.33
N GLY B 200 -5.77 21.47 0.00
CA GLY B 200 -6.24 20.41 0.86
C GLY B 200 -7.75 20.40 0.90
N PRO B 201 -8.36 19.24 1.22
CA PRO B 201 -9.81 19.16 1.43
C PRO B 201 -10.38 20.13 2.45
N GLU B 202 -9.59 20.36 3.52
CA GLU B 202 -10.01 21.28 4.57
C GLU B 202 -10.35 22.64 3.97
N LEU B 203 -9.53 23.15 3.04
CA LEU B 203 -9.81 24.39 2.35
C LEU B 203 -11.05 24.24 1.46
N LEU B 204 -11.19 23.09 0.80
CA LEU B 204 -12.27 22.90 -0.15
C LEU B 204 -13.65 22.77 0.50
N VAL B 205 -13.71 22.29 1.73
CA VAL B 205 -14.98 22.17 2.45
C VAL B 205 -15.17 23.34 3.41
N ASP B 206 -14.18 24.25 3.49
CA ASP B 206 -14.23 25.44 4.35
C ASP B 206 -14.11 25.09 5.84
N TYR B 207 -13.13 24.26 6.22
CA TYR B 207 -12.80 24.02 7.62
C TYR B 207 -11.59 24.88 7.96
N GLN B 208 -11.80 25.91 8.80
CA GLN B 208 -10.85 27.00 8.89
C GLN B 208 -9.78 26.75 9.96
N MET B 209 -9.97 25.75 10.83
CA MET B 209 -9.09 25.60 11.97
C MET B 209 -8.04 24.57 11.63
N TYR B 210 -7.34 24.87 10.52
CA TYR B 210 -6.37 23.97 9.91
C TYR B 210 -4.99 24.29 10.45
N ASP B 211 -3.95 23.61 9.93
CA ASP B 211 -2.64 23.69 10.55
C ASP B 211 -1.54 23.32 9.54
N TYR B 212 -0.30 23.17 10.04
CA TYR B 212 0.84 22.74 9.27
C TYR B 212 0.58 21.59 8.28
N SER B 213 -0.42 20.74 8.59
CA SER B 213 -0.57 19.47 7.90
C SER B 213 -1.13 19.72 6.50
N LEU B 214 -1.70 20.91 6.32
CA LEU B 214 -2.05 21.42 4.99
C LEU B 214 -0.87 21.26 4.04
N ASP B 215 0.32 21.64 4.48
CA ASP B 215 1.46 21.61 3.60
C ASP B 215 1.76 20.18 3.14
N MET B 216 1.35 19.21 3.97
CA MET B 216 1.68 17.82 3.70
C MET B 216 0.75 17.26 2.63
N TRP B 217 -0.52 17.67 2.62
CA TRP B 217 -1.36 17.39 1.46
C TRP B 217 -0.72 17.87 0.16
N SER B 218 -0.43 19.18 0.10
CA SER B 218 0.18 19.79 -1.05
C SER B 218 1.41 19.03 -1.53
N LEU B 219 2.28 18.63 -0.59
CA LEU B 219 3.43 17.82 -0.95
C LEU B 219 3.00 16.49 -1.61
N GLY B 220 1.90 15.91 -1.10
CA GLY B 220 1.38 14.69 -1.67
C GLY B 220 1.03 14.82 -3.16
N CYS B 221 0.24 15.88 -3.47
CA CYS B 221 -0.15 16.24 -4.82
C CYS B 221 1.07 16.36 -5.74
N MET B 222 2.13 17.00 -5.28
CA MET B 222 3.38 17.09 -6.02
C MET B 222 3.99 15.70 -6.24
N LEU B 223 4.01 14.86 -5.20
CA LEU B 223 4.67 13.56 -5.32
C LEU B 223 3.94 12.72 -6.37
N ALA B 224 2.60 12.71 -6.27
CA ALA B 224 1.81 11.99 -7.23
C ALA B 224 2.13 12.43 -8.66
N SER B 225 2.13 13.74 -8.92
CA SER B 225 2.39 14.19 -10.28
C SER B 225 3.78 13.74 -10.75
N MET B 226 4.75 13.74 -9.84
CA MET B 226 6.10 13.37 -10.20
C MET B 226 6.16 11.89 -10.56
N ILE B 227 5.56 11.00 -9.75
CA ILE B 227 5.78 9.56 -9.94
C ILE B 227 4.85 8.99 -11.01
N PHE B 228 3.66 9.58 -11.21
CA PHE B 228 2.71 9.14 -12.22
C PHE B 228 2.78 9.95 -13.53
N ARG B 229 3.70 10.93 -13.59
CA ARG B 229 3.87 11.81 -14.74
C ARG B 229 2.52 12.31 -15.24
N LYS B 230 1.77 12.94 -14.33
CA LYS B 230 0.53 13.62 -14.65
C LYS B 230 0.50 14.91 -13.82
N GLU B 231 0.82 16.05 -14.46
CA GLU B 231 1.06 17.31 -13.78
C GLU B 231 0.06 18.34 -14.29
N PRO B 232 -0.91 18.87 -13.50
CA PRO B 232 -1.17 18.43 -12.12
C PRO B 232 -1.87 17.07 -12.07
N PHE B 233 -1.86 16.46 -10.88
CA PHE B 233 -2.47 15.16 -10.64
C PHE B 233 -3.99 15.27 -10.45
N PHE B 234 -4.44 16.22 -9.60
CA PHE B 234 -5.86 16.47 -9.42
C PHE B 234 -6.16 17.78 -10.14
N HIS B 235 -6.65 17.67 -11.40
CA HIS B 235 -6.72 18.78 -12.34
C HIS B 235 -8.15 19.34 -12.39
N GLY B 236 -8.61 19.94 -11.29
CA GLY B 236 -9.99 20.38 -11.20
C GLY B 236 -10.17 21.75 -11.85
N HIS B 237 -11.41 22.04 -12.28
CA HIS B 237 -11.74 23.25 -13.02
C HIS B 237 -12.09 24.41 -12.10
N ASP B 238 -12.40 24.09 -10.83
CA ASP B 238 -12.76 25.07 -9.82
C ASP B 238 -12.67 24.38 -8.45
N ASN B 239 -13.05 25.08 -7.38
CA ASN B 239 -12.90 24.53 -6.03
C ASN B 239 -13.85 23.35 -5.80
N TYR B 240 -15.04 23.36 -6.41
CA TYR B 240 -15.97 22.25 -6.25
C TYR B 240 -15.51 21.02 -7.03
N ASP B 241 -15.24 21.19 -8.32
CA ASP B 241 -14.74 20.11 -9.15
C ASP B 241 -13.40 19.57 -8.63
N GLN B 242 -12.62 20.38 -7.90
CA GLN B 242 -11.33 19.91 -7.38
C GLN B 242 -11.60 18.82 -6.33
N LEU B 243 -12.61 19.00 -5.49
CA LEU B 243 -12.91 18.04 -4.45
C LEU B 243 -13.50 16.79 -5.09
N VAL B 244 -14.20 16.94 -6.22
CA VAL B 244 -14.80 15.80 -6.91
C VAL B 244 -13.67 14.94 -7.49
N ARG B 245 -12.65 15.58 -8.08
CA ARG B 245 -11.53 14.83 -8.63
C ARG B 245 -10.88 13.99 -7.54
N ILE B 246 -10.72 14.59 -6.36
CA ILE B 246 -10.11 13.95 -5.20
C ILE B 246 -11.00 12.80 -4.77
N ALA B 247 -12.31 13.03 -4.72
CA ALA B 247 -13.29 12.02 -4.30
C ALA B 247 -13.30 10.82 -5.24
N LYS B 248 -13.08 11.04 -6.54
CA LYS B 248 -13.03 9.94 -7.51
C LYS B 248 -11.78 9.06 -7.30
N VAL B 249 -10.82 9.51 -6.48
CA VAL B 249 -9.64 8.71 -6.22
C VAL B 249 -9.63 8.17 -4.79
N LEU B 250 -9.95 9.03 -3.81
CA LEU B 250 -9.84 8.66 -2.41
C LEU B 250 -11.15 8.04 -1.94
N GLY B 251 -12.22 8.18 -2.74
CA GLY B 251 -13.52 7.67 -2.36
C GLY B 251 -14.29 8.69 -1.54
N THR B 252 -15.59 8.49 -1.42
CA THR B 252 -16.47 9.41 -0.73
C THR B 252 -16.78 8.95 0.69
N GLU B 253 -16.49 7.69 1.02
CA GLU B 253 -16.82 7.13 2.31
C GLU B 253 -15.99 7.86 3.37
N ASP B 254 -14.67 7.97 3.11
CA ASP B 254 -13.72 8.64 3.99
C ASP B 254 -14.03 10.14 4.06
N LEU B 255 -14.49 10.70 2.93
CA LEU B 255 -14.82 12.11 2.86
C LEU B 255 -15.96 12.41 3.82
N TYR B 256 -17.04 11.63 3.75
CA TYR B 256 -18.22 11.84 4.58
C TYR B 256 -17.89 11.56 6.04
N ASP B 257 -16.96 10.64 6.32
CA ASP B 257 -16.52 10.38 7.68
C ASP B 257 -15.73 11.58 8.20
N TYR B 258 -14.90 12.17 7.35
CA TYR B 258 -14.17 13.40 7.64
C TYR B 258 -15.15 14.54 7.96
N ILE B 259 -16.17 14.76 7.11
CA ILE B 259 -17.09 15.85 7.40
C ILE B 259 -17.84 15.53 8.71
N ASP B 260 -18.17 14.26 8.95
CA ASP B 260 -18.94 13.88 10.13
C ASP B 260 -18.15 14.13 11.41
N LYS B 261 -16.85 13.82 11.37
CA LYS B 261 -16.01 13.88 12.55
C LYS B 261 -15.86 15.33 13.04
N TYR B 262 -15.76 16.27 12.10
CA TYR B 262 -15.54 17.67 12.41
C TYR B 262 -16.85 18.47 12.29
N ASN B 263 -17.97 17.76 12.10
CA ASN B 263 -19.28 18.38 12.04
C ASN B 263 -19.24 19.58 11.09
N ILE B 264 -18.80 19.34 9.86
CA ILE B 264 -18.66 20.37 8.85
C ILE B 264 -19.96 20.52 8.06
N GLU B 265 -20.51 21.75 8.05
CA GLU B 265 -21.68 22.07 7.25
C GLU B 265 -21.23 22.12 5.80
N LEU B 266 -21.73 21.20 4.99
CA LEU B 266 -21.34 21.09 3.61
C LEU B 266 -22.27 21.97 2.78
N ASP B 267 -21.66 22.83 1.96
CA ASP B 267 -22.38 23.66 0.99
C ASP B 267 -23.35 22.75 0.23
N PRO B 268 -24.68 23.04 0.14
CA PRO B 268 -25.64 22.09 -0.42
C PRO B 268 -25.39 21.71 -1.88
N ARG B 269 -24.76 22.64 -2.63
CA ARG B 269 -24.25 22.45 -3.99
C ARG B 269 -23.51 21.12 -4.13
N PHE B 270 -22.48 20.94 -3.29
CA PHE B 270 -21.67 19.74 -3.24
C PHE B 270 -22.51 18.48 -3.09
N ASN B 271 -23.65 18.55 -2.37
CA ASN B 271 -24.53 17.41 -2.19
C ASN B 271 -24.63 16.63 -3.51
N ASP B 272 -25.10 17.31 -4.57
CA ASP B 272 -25.28 16.67 -5.86
C ASP B 272 -23.97 16.08 -6.38
N ILE B 273 -23.03 16.97 -6.74
CA ILE B 273 -21.97 16.69 -7.71
C ILE B 273 -20.93 15.66 -7.19
N LEU B 274 -20.91 15.34 -5.88
CA LEU B 274 -19.91 14.41 -5.34
C LEU B 274 -20.33 12.96 -5.59
N GLY B 275 -21.57 12.63 -5.25
CA GLY B 275 -22.10 11.30 -5.47
C GLY B 275 -21.51 10.26 -4.51
N ARG B 276 -21.22 9.07 -5.08
CA ARG B 276 -20.69 7.91 -4.38
C ARG B 276 -19.57 7.37 -5.27
N HIS B 277 -18.38 7.25 -4.70
CA HIS B 277 -17.21 6.79 -5.43
C HIS B 277 -16.39 5.91 -4.50
N SER B 278 -15.89 4.80 -5.03
CA SER B 278 -15.03 3.90 -4.29
C SER B 278 -13.64 4.52 -4.18
N ARG B 279 -12.89 4.10 -3.16
CA ARG B 279 -11.49 4.47 -3.06
C ARG B 279 -10.70 3.59 -4.01
N LYS B 280 -9.94 4.23 -4.91
CA LYS B 280 -9.22 3.51 -5.95
C LYS B 280 -7.85 3.08 -5.45
N ARG B 281 -7.25 2.10 -6.14
CA ARG B 281 -5.94 1.57 -5.85
C ARG B 281 -4.96 2.25 -6.83
N TRP B 282 -3.74 2.51 -6.34
CA TRP B 282 -2.78 3.35 -7.00
C TRP B 282 -2.30 2.71 -8.31
N GLU B 283 -2.55 1.41 -8.49
CA GLU B 283 -2.10 0.73 -9.70
C GLU B 283 -2.82 1.29 -10.94
N ARG B 284 -4.08 1.75 -10.81
CA ARG B 284 -4.76 2.19 -12.01
C ARG B 284 -4.06 3.40 -12.66
N PHE B 285 -3.14 4.08 -11.97
CA PHE B 285 -2.38 5.20 -12.53
C PHE B 285 -0.98 4.75 -12.93
N VAL B 286 -0.70 3.44 -12.79
CA VAL B 286 0.58 2.88 -13.23
C VAL B 286 0.44 2.39 -14.67
N HIS B 287 1.39 2.84 -15.49
CA HIS B 287 1.47 2.57 -16.93
C HIS B 287 2.96 2.35 -17.22
N SER B 288 3.33 2.10 -18.47
CA SER B 288 4.71 1.74 -18.78
C SER B 288 5.60 2.99 -18.89
N GLU B 289 5.01 4.15 -19.20
CA GLU B 289 5.75 5.42 -19.18
C GLU B 289 6.27 5.72 -17.76
N ASN B 290 5.53 5.38 -16.68
CA ASN B 290 5.90 5.86 -15.34
C ASN B 290 6.45 4.80 -14.38
N GLN B 291 6.34 3.49 -14.71
CA GLN B 291 6.45 2.44 -13.68
C GLN B 291 7.85 2.42 -13.06
N HIS B 292 8.86 2.95 -13.76
CA HIS B 292 10.23 3.03 -13.25
C HIS B 292 10.34 3.94 -12.01
N LEU B 293 9.32 4.80 -11.81
CA LEU B 293 9.29 5.80 -10.76
C LEU B 293 8.37 5.35 -9.62
N VAL B 294 7.46 4.41 -9.92
CA VAL B 294 6.49 3.91 -8.95
C VAL B 294 7.03 2.63 -8.31
N SER B 295 6.89 2.58 -6.98
CA SER B 295 7.38 1.48 -6.19
C SER B 295 6.45 1.36 -4.99
N PRO B 296 6.38 0.16 -4.36
CA PRO B 296 5.56 -0.05 -3.15
C PRO B 296 5.80 0.97 -2.05
N GLU B 297 7.07 1.35 -1.83
CA GLU B 297 7.44 2.35 -0.82
C GLU B 297 6.77 3.68 -1.18
N ALA B 298 6.90 4.06 -2.46
CA ALA B 298 6.43 5.36 -2.90
C ALA B 298 4.93 5.46 -2.68
N LEU B 299 4.22 4.37 -2.94
CA LEU B 299 2.76 4.38 -2.80
C LEU B 299 2.34 4.38 -1.33
N ASP B 300 3.09 3.65 -0.49
CA ASP B 300 2.82 3.66 0.95
C ASP B 300 2.98 5.11 1.45
N PHE B 301 4.12 5.73 1.14
CA PHE B 301 4.41 7.11 1.47
C PHE B 301 3.30 8.07 0.99
N LEU B 302 2.93 7.99 -0.29
CA LEU B 302 1.89 8.84 -0.86
C LEU B 302 0.56 8.65 -0.14
N ASP B 303 0.20 7.41 0.20
CA ASP B 303 -1.09 7.11 0.81
C ASP B 303 -1.24 7.87 2.12
N LYS B 304 -0.10 7.99 2.83
CA LYS B 304 -0.06 8.53 4.17
C LYS B 304 0.07 10.06 4.16
N LEU B 305 0.25 10.67 2.98
CA LEU B 305 0.14 12.13 2.86
C LEU B 305 -1.28 12.51 2.46
N LEU B 306 -1.87 11.76 1.53
CA LEU B 306 -3.11 12.18 0.90
C LEU B 306 -4.29 11.61 1.66
N ARG B 307 -4.58 12.22 2.80
CA ARG B 307 -5.73 11.82 3.63
C ARG B 307 -6.61 13.03 3.90
N TYR B 308 -7.92 12.88 3.74
CA TYR B 308 -8.87 13.94 4.00
C TYR B 308 -8.61 14.56 5.38
N ASP B 309 -8.54 13.70 6.40
CA ASP B 309 -8.39 14.13 7.78
C ASP B 309 -6.95 14.55 8.00
N HIS B 310 -6.78 15.86 8.17
CA HIS B 310 -5.46 16.48 8.32
C HIS B 310 -4.71 15.90 9.52
N GLN B 311 -5.46 15.49 10.55
CA GLN B 311 -4.87 14.99 11.78
C GLN B 311 -4.17 13.66 11.53
N SER B 312 -4.53 12.93 10.45
CA SER B 312 -3.96 11.60 10.22
C SER B 312 -2.85 11.57 9.17
N ARG B 313 -2.47 12.72 8.60
CA ARG B 313 -1.42 12.79 7.60
C ARG B 313 -0.08 12.74 8.32
N LEU B 314 0.97 12.37 7.60
CA LEU B 314 2.29 12.31 8.17
C LEU B 314 2.70 13.72 8.53
N THR B 315 3.49 13.83 9.59
CA THR B 315 4.25 15.03 9.83
C THR B 315 5.44 14.98 8.90
N ALA B 316 6.04 16.15 8.71
CA ALA B 316 7.28 16.21 7.96
C ALA B 316 8.32 15.28 8.58
N ARG B 317 8.43 15.26 9.92
CA ARG B 317 9.51 14.49 10.54
C ARG B 317 9.26 12.99 10.34
N GLU B 318 8.00 12.55 10.48
CA GLU B 318 7.61 11.17 10.23
C GLU B 318 7.90 10.78 8.77
N ALA B 319 7.52 11.66 7.83
CA ALA B 319 7.77 11.43 6.42
C ALA B 319 9.27 11.20 6.16
N MET B 320 10.15 11.99 6.77
CA MET B 320 11.59 11.85 6.52
C MET B 320 12.11 10.49 7.03
N GLU B 321 11.35 9.79 7.88
CA GLU B 321 11.76 8.52 8.46
C GLU B 321 11.19 7.33 7.68
N HIS B 322 10.43 7.60 6.62
CA HIS B 322 9.76 6.59 5.83
C HIS B 322 10.77 5.85 4.97
N PRO B 323 10.55 4.53 4.73
CA PRO B 323 11.45 3.70 3.90
C PRO B 323 11.77 4.23 2.51
N TYR B 324 10.81 4.94 1.87
CA TYR B 324 11.08 5.63 0.61
C TYR B 324 12.42 6.39 0.64
N PHE B 325 12.87 6.88 1.80
CA PHE B 325 14.07 7.73 1.88
C PHE B 325 15.31 7.02 2.44
N TYR B 326 15.29 5.69 2.61
CA TYR B 326 16.41 5.01 3.24
C TYR B 326 17.68 5.15 2.40
N THR B 327 17.55 5.04 1.07
CA THR B 327 18.69 5.22 0.16
C THR B 327 19.29 6.61 0.37
N VAL B 328 18.43 7.64 0.37
CA VAL B 328 18.85 9.04 0.47
C VAL B 328 19.50 9.32 1.83
N VAL B 329 18.88 8.81 2.91
CA VAL B 329 19.39 9.05 4.26
C VAL B 329 20.80 8.49 4.41
N LYS B 330 21.12 7.29 3.87
CA LYS B 330 22.47 6.74 3.96
C LYS B 330 23.50 7.69 3.33
N ASP B 331 23.26 8.21 2.12
CA ASP B 331 24.20 9.04 1.36
C ASP B 331 24.67 10.31 2.08
S SO4 C . -8.66 -51.11 -3.95
O1 SO4 C . -8.86 -50.90 -2.53
O2 SO4 C . -8.11 -49.91 -4.56
O3 SO4 C . -7.73 -52.20 -4.13
O4 SO4 C . -9.93 -51.43 -4.56
S SO4 D . -16.62 -0.61 9.10
O1 SO4 D . -15.33 -0.67 9.73
O2 SO4 D . -17.56 -1.21 10.05
O3 SO4 D . -16.60 -1.41 7.90
O4 SO4 D . -16.94 0.77 8.70
S SO4 E . -14.80 -32.95 -3.13
O1 SO4 E . -14.31 -34.25 -2.73
O2 SO4 E . -15.30 -32.26 -1.98
O3 SO4 E . -15.86 -33.11 -4.10
O4 SO4 E . -13.74 -32.13 -3.67
O WAK F . -1.13 -36.02 4.71
C WAK F . -0.93 -35.65 5.89
C12 WAK F . 0.31 -35.53 6.68
C13 WAK F . 1.52 -35.83 6.17
C14 WAK F . 2.86 -35.71 6.74
C20 WAK F . 3.06 -35.22 8.04
C19 WAK F . 4.35 -35.06 8.52
S WAK F . 4.87 -34.48 10.08
C18 WAK F . 6.51 -34.81 9.62
N3 WAK F . 6.71 -35.29 8.42
C17 WAK F . 5.47 -35.43 7.77
C16 WAK F . 5.28 -35.94 6.48
C15 WAK F . 3.99 -36.05 5.98
N2 WAK F . 0.00 -34.98 7.93
C1 WAK F . -1.32 -34.76 7.90
N WAK F . -1.90 -35.15 6.76
N1 WAK F . -2.06 -34.17 8.86
C2 WAK F . -1.58 -33.59 10.13
C11 WAK F . -0.61 -32.44 9.82
C6 WAK F . -0.16 -31.76 11.14
C5 WAK F . 0.56 -32.79 12.02
C10 WAK F . -2.80 -33.03 10.88
C8 WAK F . -2.35 -32.35 12.20
C7 WAK F . -1.39 -31.21 11.87
C9 WAK F . -1.63 -33.39 13.09
C4 WAK F . -0.40 -33.94 12.35
C3 WAK F . -0.85 -34.62 11.04
S SO4 G . -8.80 3.39 7.10
O1 SO4 G . -8.43 2.20 7.85
O2 SO4 G . -8.23 4.57 7.71
O3 SO4 G . -10.25 3.50 7.07
O4 SO4 G . -8.28 3.32 5.76
S SO4 H . -5.72 -34.89 7.29
O1 SO4 H . -6.53 -35.89 7.93
O2 SO4 H . -5.19 -33.96 8.30
O3 SO4 H . -4.61 -35.50 6.62
O4 SO4 H . -6.53 -34.23 6.33
S SO4 I . -17.73 -26.15 5.13
O1 SO4 I . -18.02 -24.77 4.80
O2 SO4 I . -17.38 -26.22 6.54
O3 SO4 I . -16.61 -26.61 4.34
O4 SO4 I . -18.90 -26.97 4.87
S SO4 J . -15.04 -51.00 -5.06
O1 SO4 J . -13.96 -51.45 -4.22
O2 SO4 J . -15.52 -49.70 -4.62
O3 SO4 J . -16.10 -52.01 -5.00
O4 SO4 J . -14.54 -50.86 -6.43
S SO4 K . -8.61 44.04 2.95
O1 SO4 K . -10.05 44.13 2.89
O2 SO4 K . -8.16 44.07 4.34
O3 SO4 K . -8.03 45.16 2.27
O4 SO4 K . -8.18 42.82 2.31
S SO4 L . -4.69 35.56 4.14
O1 SO4 L . -4.38 34.35 4.85
O2 SO4 L . -5.18 36.55 5.08
O3 SO4 L . -5.77 35.27 3.23
O4 SO4 L . -3.52 36.01 3.41
O WAK M . 8.82 34.92 -3.94
C WAK M . 8.90 34.61 -5.12
C12 WAK M . 10.04 34.22 -5.99
C13 WAK M . 11.33 34.22 -5.55
C14 WAK M . 12.57 33.78 -6.22
C20 WAK M . 12.54 33.25 -7.51
C19 WAK M . 13.72 32.79 -8.10
S WAK M . 13.98 32.21 -9.72
C18 WAK M . 15.68 32.07 -9.35
N3 WAK M . 16.06 32.41 -8.16
C17 WAK M . 14.94 32.85 -7.41
C16 WAK M . 14.98 33.42 -6.13
C15 WAK M . 13.80 33.88 -5.55
N2 WAK M . 9.54 33.89 -7.28
C1 WAK M . 8.22 34.05 -7.18
N WAK M . 7.82 34.49 -5.96
N1 WAK M . 7.31 33.76 -8.14
C2 WAK M . 7.52 33.20 -9.48
C11 WAK M . 6.10 32.98 -10.04
C6 WAK M . 6.19 32.28 -11.40
C5 WAK M . 6.88 30.93 -11.24
C10 WAK M . 8.32 34.07 -10.46
C8 WAK M . 8.40 33.37 -11.83
C7 WAK M . 6.98 33.17 -12.37
C9 WAK M . 9.10 32.02 -11.68
C4 WAK M . 8.31 31.15 -10.71
C3 WAK M . 8.23 31.84 -9.34
S SO4 N . 4.04 35.62 -6.29
O1 SO4 N . 2.69 35.37 -5.87
O2 SO4 N . 4.94 35.37 -5.19
O3 SO4 N . 4.38 34.75 -7.41
O4 SO4 N . 4.17 36.98 -6.69
S SO4 O . -15.95 5.97 -10.17
O1 SO4 O . -16.17 5.40 -8.84
O2 SO4 O . -15.07 7.13 -10.17
O3 SO4 O . -15.37 4.96 -11.00
O4 SO4 O . -17.22 6.38 -10.73
S SO4 P . -7.87 15.13 -15.77
O1 SO4 P . -7.86 14.94 -14.30
O2 SO4 P . -8.04 16.55 -16.08
O3 SO4 P . -6.62 14.65 -16.34
O4 SO4 P . -8.95 14.37 -16.37
#